data_9H6E
#
_entry.id   9H6E
#
_cell.length_a   84.500
_cell.length_b   132.574
_cell.length_c   160.672
_cell.angle_alpha   90.00
_cell.angle_beta   90.00
_cell.angle_gamma   90.00
#
_symmetry.space_group_name_H-M   'P 21 21 21'
#
loop_
_entity.id
_entity.type
_entity.pdbx_description
1 polymer 'Histidine-containing phosphotransfer protein 1'
2 polymer 'Two-component response regulator ARR1'
3 non-polymer 'OXAMIC ACID'
4 non-polymer 1,2-ETHANEDIOL
5 non-polymer GLYCEROL
6 water water
#
loop_
_entity_poly.entity_id
_entity_poly.type
_entity_poly.pdbx_seq_one_letter_code
_entity_poly.pdbx_strand_id
1 'polypeptide(L)'
;SNAMDLVQKQKSLQDYTKSLFLEGILDSQFLQLQQLQDESNPDFVSQVVTLFFQDSDRILNDLSLSLDQQVVDFKKVDPH
VHQLKGSSSSIGAQRVKNACVVFRSFCEQQNVEACHRCLQQVKQEYYLVKNRLETLFKLEQQIVASGGMIPAVELGF
;
C,A
2 'polypeptide(L)'
;MHHHHHHENLYFQSNARVLVVDDDPTCLMILERMLRTCLYEVTKCNRAEMALSLLRKNKHGFDIVISDVHMPDMDGFKLL
EHVGLEMDLPVIMMSADDSKSVVLKGVTHGAVDYLIKPVRMEALKNIWQHVVRKRRSEWSVPEHSGSIEETGERQQQQHR
GGGGGAAVSGGEDAVDDNSSSVNEGNNWRSSSRKRKDEEGEEQGDDKDEDASNLKKPRVVWSVELHQQFVAAVNQLGVEK
AVPKKILELMNVPGLTRENVASHLQKYRIYLRRLG
;
D,B
#
loop_
_chem_comp.id
_chem_comp.type
_chem_comp.name
_chem_comp.formula
EDO non-polymer 1,2-ETHANEDIOL 'C2 H6 O2'
GOL non-polymer GLYCEROL 'C3 H8 O3'
OXM non-polymer 'OXAMIC ACID' 'C2 H3 N O3'
#
# COMPACT_ATOMS: atom_id res chain seq x y z
N SER A 1 -7.46 -19.80 -27.19
CA SER A 1 -7.82 -18.51 -27.77
C SER A 1 -8.74 -17.71 -26.85
N ASN A 2 -9.34 -18.41 -25.88
CA ASN A 2 -10.46 -17.94 -25.06
C ASN A 2 -10.25 -16.54 -24.49
N ALA A 3 -11.26 -15.70 -24.69
CA ALA A 3 -11.32 -14.45 -23.97
C ALA A 3 -11.32 -14.70 -22.48
N MET A 4 -11.99 -15.78 -22.06
CA MET A 4 -12.04 -16.11 -20.65
C MET A 4 -10.66 -16.46 -20.10
N ASP A 5 -9.76 -16.97 -20.94
CA ASP A 5 -8.43 -17.30 -20.41
C ASP A 5 -7.63 -16.04 -20.12
N LEU A 6 -7.76 -15.02 -20.97
CA LEU A 6 -7.10 -13.75 -20.70
C LEU A 6 -7.67 -13.10 -19.45
N VAL A 7 -8.96 -13.31 -19.18
CA VAL A 7 -9.55 -12.78 -17.96
C VAL A 7 -8.93 -13.42 -16.74
N GLN A 8 -8.76 -14.74 -16.75
CA GLN A 8 -8.11 -15.44 -15.60
C GLN A 8 -6.68 -14.91 -15.42
N LYS A 9 -5.93 -14.73 -16.50
CA LYS A 9 -4.53 -14.29 -16.43
C LYS A 9 -4.42 -12.92 -15.82
N GLN A 10 -5.40 -12.03 -16.11
CA GLN A 10 -5.38 -10.72 -15.50
C GLN A 10 -5.55 -10.81 -14.00
N LYS A 11 -6.49 -11.63 -13.53
CA LYS A 11 -6.71 -11.80 -12.09
C LYS A 11 -5.50 -12.45 -11.43
N SER A 12 -4.93 -13.44 -12.09
CA SER A 12 -3.80 -14.13 -11.47
C SER A 12 -2.60 -13.22 -11.35
N LEU A 13 -2.37 -12.38 -12.38
CA LEU A 13 -1.30 -11.39 -12.26
C LEU A 13 -1.61 -10.39 -11.17
N GLN A 14 -2.88 -9.95 -11.08
CA GLN A 14 -3.27 -8.98 -10.06
C GLN A 14 -3.05 -9.52 -8.66
N ASP A 15 -3.58 -10.72 -8.41
CA ASP A 15 -3.47 -11.37 -7.11
C ASP A 15 -2.02 -11.69 -6.77
N TYR A 16 -1.22 -12.00 -7.79
CA TYR A 16 0.18 -12.33 -7.54
C TYR A 16 0.95 -11.13 -7.04
N THR A 17 0.74 -9.98 -7.70
CA THR A 17 1.43 -8.75 -7.30
C THR A 17 1.06 -8.37 -5.87
N LYS A 18 -0.23 -8.45 -5.56
CA LYS A 18 -0.71 -8.24 -4.20
C LYS A 18 0.02 -9.12 -3.20
N SER A 19 0.21 -10.40 -3.54
CA SER A 19 0.86 -11.33 -2.63
C SER A 19 2.32 -10.96 -2.36
N LEU A 20 3.00 -10.32 -3.32
CA LEU A 20 4.39 -9.94 -3.08
C LEU A 20 4.50 -8.87 -2.01
N PHE A 21 3.53 -7.94 -1.95
CA PHE A 21 3.58 -6.95 -0.88
C PHE A 21 3.14 -7.52 0.46
N LEU A 22 2.05 -8.30 0.45
CA LEU A 22 1.51 -8.80 1.71
C LEU A 22 2.43 -9.81 2.37
N GLU A 23 3.20 -10.56 1.60
CA GLU A 23 4.17 -11.50 2.18
C GLU A 23 5.47 -10.84 2.59
N GLY A 24 5.61 -9.54 2.45
CA GLY A 24 6.84 -8.92 2.90
C GLY A 24 8.02 -9.07 1.97
N ILE A 25 7.84 -9.67 0.79
CA ILE A 25 8.96 -9.82 -0.14
C ILE A 25 9.37 -8.46 -0.72
N LEU A 26 8.40 -7.64 -1.10
CA LEU A 26 8.60 -6.31 -1.66
C LEU A 26 7.99 -5.26 -0.73
N ASP A 27 8.67 -4.12 -0.58
CA ASP A 27 8.08 -3.05 0.23
C ASP A 27 7.59 -1.94 -0.69
N SER A 28 7.18 -0.82 -0.09
CA SER A 28 6.49 0.21 -0.88
C SER A 28 7.41 0.89 -1.87
N GLN A 29 8.72 0.69 -1.75
CA GLN A 29 9.64 1.23 -2.73
C GLN A 29 9.41 0.63 -4.11
N PHE A 30 9.03 -0.66 -4.17
CA PHE A 30 8.71 -1.25 -5.47
C PHE A 30 7.48 -0.59 -6.08
N LEU A 31 6.51 -0.24 -5.25
CA LEU A 31 5.35 0.45 -5.77
C LEU A 31 5.73 1.83 -6.29
N GLN A 32 6.74 2.45 -5.69
CA GLN A 32 7.26 3.71 -6.22
C GLN A 32 7.87 3.52 -7.60
N LEU A 33 8.60 2.41 -7.82
CA LEU A 33 9.13 2.11 -9.14
C LEU A 33 8.01 1.96 -10.17
N GLN A 34 6.94 1.24 -9.82
CA GLN A 34 5.82 1.09 -10.75
C GLN A 34 5.16 2.41 -11.05
N GLN A 35 5.24 3.36 -10.11
CA GLN A 35 4.68 4.67 -10.31
C GLN A 35 5.60 5.59 -11.09
N LEU A 36 6.86 5.20 -11.30
CA LEU A 36 7.70 5.94 -12.23
C LEU A 36 7.57 5.41 -13.66
N GLN A 37 6.80 4.35 -13.88
CA GLN A 37 6.61 3.75 -15.20
C GLN A 37 5.30 4.28 -15.77
N ASP A 38 5.36 4.91 -16.94
CA ASP A 38 4.19 5.49 -17.59
C ASP A 38 4.21 5.13 -19.07
N GLU A 39 3.32 5.76 -19.85
CA GLU A 39 3.26 5.49 -21.29
C GLU A 39 4.57 5.85 -22.01
N SER A 40 5.27 6.87 -21.53
CA SER A 40 6.53 7.31 -22.15
C SER A 40 7.73 6.50 -21.67
N ASN A 41 7.62 5.80 -20.54
CA ASN A 41 8.71 4.99 -19.98
C ASN A 41 8.19 3.59 -19.72
N PRO A 42 7.77 2.87 -20.77
CA PRO A 42 6.87 1.72 -20.58
C PRO A 42 7.54 0.46 -20.07
N ASP A 43 8.86 0.42 -20.03
CA ASP A 43 9.58 -0.77 -19.58
C ASP A 43 10.46 -0.46 -18.38
N PHE A 44 10.20 0.65 -17.69
CA PHE A 44 11.10 1.15 -16.66
C PHE A 44 11.29 0.16 -15.53
N VAL A 45 10.21 -0.47 -15.04
CA VAL A 45 10.38 -1.38 -13.90
C VAL A 45 11.22 -2.58 -14.30
N SER A 46 10.93 -3.15 -15.48
CA SER A 46 11.72 -4.27 -15.99
C SER A 46 13.18 -3.90 -16.15
N GLN A 47 13.45 -2.70 -16.67
CA GLN A 47 14.83 -2.30 -16.93
C GLN A 47 15.62 -2.07 -15.64
N VAL A 48 14.99 -1.43 -14.64
CA VAL A 48 15.64 -1.23 -13.35
C VAL A 48 15.92 -2.57 -12.68
N VAL A 49 14.92 -3.45 -12.68
CA VAL A 49 15.06 -4.74 -12.03
C VAL A 49 16.14 -5.58 -12.70
N THR A 50 16.22 -5.53 -14.04
CA THR A 50 17.26 -6.27 -14.75
C THR A 50 18.66 -5.73 -14.42
N LEU A 51 18.79 -4.41 -14.33
CA LEU A 51 20.07 -3.85 -13.91
C LEU A 51 20.43 -4.25 -12.48
N PHE A 52 19.44 -4.21 -11.58
CA PHE A 52 19.69 -4.66 -10.20
C PHE A 52 20.16 -6.11 -10.18
N PHE A 53 19.65 -6.95 -11.09
CA PHE A 53 20.10 -8.33 -11.15
C PHE A 53 21.55 -8.44 -11.61
N GLN A 54 21.93 -7.70 -12.67
CA GLN A 54 23.29 -7.79 -13.18
C GLN A 54 24.31 -7.33 -12.15
N ASP A 55 24.04 -6.20 -11.50
CA ASP A 55 24.96 -5.67 -10.51
C ASP A 55 25.02 -6.58 -9.30
N SER A 56 23.89 -7.10 -8.85
CA SER A 56 23.92 -7.95 -7.68
C SER A 56 24.46 -9.35 -7.95
N ASP A 57 24.25 -9.88 -9.17
CA ASP A 57 24.93 -11.13 -9.53
C ASP A 57 26.43 -10.97 -9.44
N ARG A 58 26.95 -9.82 -9.86
CA ARG A 58 28.39 -9.53 -9.74
C ARG A 58 28.82 -9.42 -8.29
N ILE A 59 28.03 -8.73 -7.46
CA ILE A 59 28.40 -8.49 -6.08
C ILE A 59 28.48 -9.81 -5.30
N LEU A 60 27.55 -10.73 -5.56
CA LEU A 60 27.56 -12.00 -4.83
C LEU A 60 28.69 -12.91 -5.29
N ASN A 61 29.01 -12.89 -6.58
CA ASN A 61 30.19 -13.60 -7.05
C ASN A 61 31.44 -13.02 -6.44
N ASP A 62 31.49 -11.69 -6.30
CA ASP A 62 32.68 -11.08 -5.73
C ASP A 62 32.80 -11.34 -4.23
N LEU A 63 31.67 -11.38 -3.52
CA LEU A 63 31.73 -11.66 -2.10
C LEU A 63 32.11 -13.12 -1.85
N SER A 64 31.63 -14.03 -2.70
CA SER A 64 31.97 -15.43 -2.55
C SER A 64 33.46 -15.67 -2.74
N LEU A 65 34.08 -14.94 -3.67
CA LEU A 65 35.54 -14.99 -3.80
C LEU A 65 36.23 -14.34 -2.62
N SER A 66 35.73 -13.17 -2.21
CA SER A 66 36.38 -12.40 -1.15
C SER A 66 36.39 -13.16 0.16
N LEU A 67 35.24 -13.76 0.52
CA LEU A 67 35.17 -14.51 1.76
C LEU A 67 35.89 -15.84 1.67
N ASP A 68 36.17 -16.32 0.46
CA ASP A 68 36.91 -17.57 0.33
C ASP A 68 38.42 -17.35 0.39
N GLN A 69 38.88 -16.11 0.51
CA GLN A 69 40.31 -15.87 0.56
C GLN A 69 40.92 -16.39 1.85
N GLN A 70 42.20 -16.71 1.80
CA GLN A 70 42.85 -17.30 2.96
C GLN A 70 43.07 -16.28 4.06
N VAL A 71 43.14 -15.00 3.71
CA VAL A 71 43.07 -13.90 4.66
C VAL A 71 42.00 -12.96 4.11
N VAL A 72 40.84 -12.93 4.78
CA VAL A 72 39.71 -12.15 4.28
C VAL A 72 40.03 -10.67 4.37
N ASP A 73 39.78 -9.94 3.29
CA ASP A 73 40.07 -8.52 3.24
C ASP A 73 38.76 -7.74 3.30
N PHE A 74 38.39 -7.30 4.51
CA PHE A 74 37.11 -6.61 4.72
C PHE A 74 37.06 -5.25 4.07
N LYS A 75 38.21 -4.67 3.69
CA LYS A 75 38.20 -3.50 2.83
C LYS A 75 37.55 -3.80 1.48
N LYS A 76 37.61 -5.06 1.04
CA LYS A 76 36.99 -5.51 -0.19
C LYS A 76 35.65 -6.20 0.04
N VAL A 77 35.35 -6.67 1.25
CA VAL A 77 34.06 -7.31 1.51
C VAL A 77 33.00 -6.27 1.81
N ASP A 78 33.34 -5.32 2.68
CA ASP A 78 32.37 -4.35 3.21
C ASP A 78 31.70 -3.46 2.15
N PRO A 79 32.41 -2.81 1.22
CA PRO A 79 31.71 -1.91 0.28
C PRO A 79 30.77 -2.61 -0.69
N HIS A 80 30.97 -3.91 -0.96
CA HIS A 80 30.01 -4.68 -1.72
C HIS A 80 28.69 -4.83 -0.98
N VAL A 81 28.77 -5.21 0.29
CA VAL A 81 27.58 -5.40 1.10
C VAL A 81 26.84 -4.08 1.22
N HIS A 82 27.60 -2.99 1.33
CA HIS A 82 26.98 -1.67 1.44
C HIS A 82 26.24 -1.29 0.17
N GLN A 83 26.84 -1.59 -1.00
CA GLN A 83 26.14 -1.27 -2.25
C GLN A 83 24.90 -2.09 -2.40
N LEU A 84 24.98 -3.39 -2.07
CA LEU A 84 23.81 -4.24 -2.18
C LEU A 84 22.69 -3.82 -1.24
N LYS A 85 23.01 -3.24 -0.07
CA LYS A 85 21.95 -2.73 0.80
C LYS A 85 21.19 -1.62 0.11
N GLY A 86 21.90 -0.60 -0.39
CA GLY A 86 21.22 0.46 -1.13
C GLY A 86 20.59 0.00 -2.44
N SER A 87 21.27 -0.89 -3.18
CA SER A 87 20.75 -1.54 -4.38
C SER A 87 19.38 -2.12 -4.10
N SER A 88 19.32 -3.06 -3.16
CA SER A 88 18.08 -3.75 -2.88
C SER A 88 17.06 -2.84 -2.21
N SER A 89 17.52 -1.94 -1.33
CA SER A 89 16.57 -1.03 -0.67
C SER A 89 15.92 -0.09 -1.65
N SER A 90 16.59 0.22 -2.77
CA SER A 90 16.01 1.11 -3.76
C SER A 90 15.02 0.43 -4.70
N ILE A 91 15.09 -0.89 -4.88
CA ILE A 91 14.04 -1.53 -5.67
C ILE A 91 12.97 -2.14 -4.79
N GLY A 92 13.18 -2.19 -3.48
CA GLY A 92 12.16 -2.69 -2.59
C GLY A 92 12.29 -4.14 -2.16
N ALA A 93 13.42 -4.79 -2.43
CA ALA A 93 13.63 -6.17 -2.04
C ALA A 93 14.00 -6.13 -0.56
N GLN A 94 12.96 -6.16 0.27
CA GLN A 94 13.13 -5.80 1.68
C GLN A 94 13.89 -6.85 2.47
N ARG A 95 13.62 -8.15 2.21
CA ARG A 95 14.36 -9.18 2.92
C ARG A 95 15.85 -9.17 2.54
N VAL A 96 16.17 -8.78 1.31
CA VAL A 96 17.57 -8.64 0.93
C VAL A 96 18.20 -7.47 1.67
N LYS A 97 17.52 -6.31 1.66
CA LYS A 97 18.01 -5.14 2.38
C LYS A 97 18.30 -5.46 3.84
N ASN A 98 17.37 -6.15 4.52
CA ASN A 98 17.57 -6.42 5.94
C ASN A 98 18.70 -7.41 6.16
N ALA A 99 18.81 -8.42 5.30
CA ALA A 99 19.89 -9.39 5.41
C ALA A 99 21.25 -8.75 5.23
N CYS A 100 21.35 -7.74 4.33
CA CYS A 100 22.60 -7.02 4.19
C CYS A 100 22.93 -6.22 5.44
N VAL A 101 21.91 -5.75 6.16
CA VAL A 101 22.17 -4.95 7.36
C VAL A 101 22.83 -5.83 8.42
N VAL A 102 22.37 -7.08 8.56
CA VAL A 102 23.01 -8.01 9.49
C VAL A 102 24.41 -8.39 9.01
N PHE A 103 24.58 -8.57 7.70
CA PHE A 103 25.91 -8.80 7.13
C PHE A 103 26.87 -7.67 7.51
N ARG A 104 26.43 -6.41 7.36
CA ARG A 104 27.27 -5.25 7.69
C ARG A 104 27.64 -5.25 9.17
N SER A 105 26.77 -5.81 10.00
CA SER A 105 27.08 -5.96 11.41
C SER A 105 28.29 -6.87 11.65
N PHE A 106 28.53 -7.81 10.76
CA PHE A 106 29.62 -8.75 10.99
C PHE A 106 30.92 -8.43 10.26
N CYS A 107 30.88 -7.68 9.15
CA CYS A 107 32.13 -7.08 8.68
C CYS A 107 32.65 -6.07 9.68
N GLU A 108 31.74 -5.30 10.29
CA GLU A 108 32.13 -4.31 11.27
C GLU A 108 32.77 -4.97 12.48
N GLN A 109 32.40 -6.22 12.77
CA GLN A 109 33.06 -7.02 13.79
C GLN A 109 34.17 -7.91 13.22
N GLN A 110 34.31 -7.98 11.89
CA GLN A 110 35.27 -8.86 11.21
C GLN A 110 35.15 -10.31 11.68
N ASN A 111 33.92 -10.82 11.68
CA ASN A 111 33.57 -12.17 12.12
C ASN A 111 33.29 -13.00 10.87
N VAL A 112 34.32 -13.76 10.43
CA VAL A 112 34.25 -14.42 9.13
C VAL A 112 33.22 -15.55 9.14
N GLU A 113 33.15 -16.32 10.24
CA GLU A 113 32.16 -17.39 10.33
C GLU A 113 30.75 -16.85 10.20
N ALA A 114 30.48 -15.73 10.87
CA ALA A 114 29.18 -15.11 10.71
C ALA A 114 28.99 -14.58 9.30
N CYS A 115 30.06 -14.05 8.69
CA CYS A 115 29.95 -13.51 7.34
C CYS A 115 29.59 -14.58 6.34
N HIS A 116 30.07 -15.81 6.54
CA HIS A 116 29.69 -16.89 5.65
C HIS A 116 28.21 -17.23 5.76
N ARG A 117 27.67 -17.30 6.98
CA ARG A 117 26.25 -17.52 7.14
C ARG A 117 25.44 -16.35 6.60
N CYS A 118 25.95 -15.12 6.77
CA CYS A 118 25.22 -13.96 6.25
C CYS A 118 25.13 -13.99 4.73
N LEU A 119 26.26 -14.32 4.06
CA LEU A 119 26.26 -14.42 2.60
C LEU A 119 25.29 -15.49 2.11
N GLN A 120 25.16 -16.59 2.86
CA GLN A 120 24.20 -17.62 2.50
C GLN A 120 22.77 -17.11 2.62
N GLN A 121 22.46 -16.34 3.67
CA GLN A 121 21.11 -15.79 3.78
C GLN A 121 20.85 -14.73 2.72
N VAL A 122 21.86 -13.90 2.42
CA VAL A 122 21.64 -12.86 1.41
C VAL A 122 21.42 -13.48 0.05
N LYS A 123 22.22 -14.51 -0.28
CA LYS A 123 22.00 -15.24 -1.53
C LYS A 123 20.59 -15.79 -1.56
N GLN A 124 20.15 -16.43 -0.46
CA GLN A 124 18.82 -17.04 -0.42
C GLN A 124 17.73 -15.98 -0.57
N GLU A 125 17.90 -14.79 0.05
CA GLU A 125 16.86 -13.78 -0.11
C GLU A 125 16.87 -13.16 -1.50
N TYR A 126 18.06 -12.99 -2.09
CA TYR A 126 18.14 -12.48 -3.45
C TYR A 126 17.52 -13.45 -4.45
N TYR A 127 17.89 -14.74 -4.38
CA TYR A 127 17.34 -15.70 -5.33
C TYR A 127 15.82 -15.81 -5.18
N LEU A 128 15.30 -15.57 -3.97
CA LEU A 128 13.85 -15.53 -3.77
C LEU A 128 13.23 -14.36 -4.49
N VAL A 129 13.78 -13.15 -4.29
CA VAL A 129 13.15 -11.99 -4.92
C VAL A 129 13.41 -12.04 -6.41
N LYS A 130 14.53 -12.62 -6.85
CA LYS A 130 14.77 -12.77 -8.27
C LYS A 130 13.75 -13.72 -8.90
N ASN A 131 13.40 -14.81 -8.19
CA ASN A 131 12.37 -15.71 -8.71
C ASN A 131 11.02 -15.03 -8.78
N ARG A 132 10.71 -14.20 -7.79
CA ARG A 132 9.39 -13.60 -7.77
C ARG A 132 9.24 -12.54 -8.84
N LEU A 133 10.26 -11.68 -8.97
CA LEU A 133 10.17 -10.60 -9.94
C LEU A 133 10.20 -11.14 -11.36
N GLU A 134 11.01 -12.16 -11.60
CA GLU A 134 11.00 -12.79 -12.91
C GLU A 134 9.65 -13.46 -13.18
N THR A 135 9.01 -14.06 -12.16
CA THR A 135 7.67 -14.61 -12.35
C THR A 135 6.70 -13.49 -12.70
N LEU A 136 6.84 -12.35 -12.02
CA LEU A 136 5.99 -11.20 -12.28
C LEU A 136 6.09 -10.75 -13.72
N PHE A 137 7.30 -10.63 -14.24
CA PHE A 137 7.46 -10.16 -15.61
C PHE A 137 7.03 -11.22 -16.62
N LYS A 138 7.20 -12.50 -16.30
CA LYS A 138 6.76 -13.55 -17.22
C LYS A 138 5.24 -13.59 -17.35
N LEU A 139 4.53 -13.35 -16.23
CA LEU A 139 3.07 -13.33 -16.23
C LEU A 139 2.54 -12.21 -17.11
N GLU A 140 3.20 -11.05 -17.07
CA GLU A 140 2.83 -9.92 -17.91
C GLU A 140 3.06 -10.23 -19.38
N GLN A 141 4.21 -10.83 -19.70
CA GLN A 141 4.47 -11.14 -21.10
C GLN A 141 3.51 -12.20 -21.62
N GLN A 142 3.09 -13.13 -20.76
CA GLN A 142 2.06 -14.10 -21.13
C GLN A 142 0.73 -13.42 -21.48
N ILE A 143 0.39 -12.35 -20.75
CA ILE A 143 -0.84 -11.64 -21.02
C ILE A 143 -0.78 -10.98 -22.39
N VAL A 144 0.36 -10.35 -22.71
CA VAL A 144 0.52 -9.74 -24.02
C VAL A 144 0.54 -10.80 -25.11
N ALA A 145 1.22 -11.93 -24.87
CA ALA A 145 1.28 -13.02 -25.83
C ALA A 145 -0.07 -13.64 -26.10
N SER A 146 -1.05 -13.47 -25.20
CA SER A 146 -2.43 -13.89 -25.45
C SER A 146 -3.20 -12.84 -26.24
N GLY A 147 -2.56 -11.75 -26.60
CA GLY A 147 -3.23 -10.65 -27.24
C GLY A 147 -3.84 -9.67 -26.27
N GLY A 148 -3.52 -9.77 -24.98
CA GLY A 148 -4.09 -8.89 -23.98
C GLY A 148 -3.30 -7.63 -23.75
N MET A 149 -3.59 -7.00 -22.61
CA MET A 149 -3.09 -5.66 -22.33
C MET A 149 -3.21 -5.39 -20.84
N ILE A 150 -2.20 -4.74 -20.29
CA ILE A 150 -2.18 -4.33 -18.89
C ILE A 150 -2.41 -2.83 -18.85
N PRO A 151 -3.49 -2.33 -18.22
CA PRO A 151 -3.92 -0.94 -18.43
C PRO A 151 -2.92 0.16 -18.07
N ALA A 152 -2.15 0.02 -16.98
CA ALA A 152 -0.96 0.85 -16.69
C ALA A 152 -1.26 2.35 -16.67
N VAL A 153 -1.93 2.77 -15.59
CA VAL A 153 -2.36 4.16 -15.38
C VAL A 153 -1.24 5.19 -15.52
N ALA B 3 -22.19 7.81 -39.13
CA ALA B 3 -22.16 7.21 -37.78
C ALA B 3 -23.60 6.93 -37.33
N MET B 4 -24.57 7.35 -38.14
CA MET B 4 -25.99 7.20 -37.75
C MET B 4 -26.32 5.72 -37.53
N ASP B 5 -25.44 4.81 -37.97
CA ASP B 5 -25.79 3.39 -37.85
C ASP B 5 -25.86 2.99 -36.38
N LEU B 6 -27.09 2.70 -35.92
CA LEU B 6 -27.31 2.24 -34.54
C LEU B 6 -26.74 0.87 -34.28
N VAL B 7 -26.76 -0.03 -35.26
CA VAL B 7 -26.24 -1.39 -35.06
C VAL B 7 -24.75 -1.34 -34.76
N GLN B 8 -24.00 -0.51 -35.52
CA GLN B 8 -22.58 -0.35 -35.25
C GLN B 8 -22.31 0.21 -33.87
N LYS B 9 -23.10 1.21 -33.43
CA LYS B 9 -22.92 1.80 -32.11
C LYS B 9 -23.14 0.75 -31.04
N GLN B 10 -24.12 -0.15 -31.25
CA GLN B 10 -24.32 -1.29 -30.35
C GLN B 10 -23.17 -2.27 -30.41
N LYS B 11 -22.68 -2.58 -31.62
CA LYS B 11 -21.59 -3.55 -31.76
C LYS B 11 -20.32 -3.04 -31.08
N SER B 12 -20.03 -1.73 -31.21
CA SER B 12 -18.87 -1.13 -30.55
C SER B 12 -19.04 -1.07 -29.04
N LEU B 13 -20.27 -0.84 -28.58
CA LEU B 13 -20.53 -0.79 -27.14
C LEU B 13 -20.19 -2.12 -26.48
N GLN B 14 -20.57 -3.23 -27.11
CA GLN B 14 -20.20 -4.55 -26.58
C GLN B 14 -18.68 -4.74 -26.58
N ASP B 15 -18.01 -4.35 -27.68
CA ASP B 15 -16.57 -4.51 -27.75
C ASP B 15 -15.89 -3.67 -26.66
N TYR B 16 -16.47 -2.52 -26.35
CA TYR B 16 -15.93 -1.69 -25.29
C TYR B 16 -16.14 -2.33 -23.93
N THR B 17 -17.35 -2.83 -23.66
CA THR B 17 -17.64 -3.43 -22.37
C THR B 17 -16.78 -4.66 -22.12
N LYS B 18 -16.70 -5.55 -23.12
CA LYS B 18 -15.83 -6.73 -23.05
C LYS B 18 -14.39 -6.33 -22.77
N SER B 19 -13.92 -5.23 -23.37
CA SER B 19 -12.54 -4.82 -23.18
C SER B 19 -12.26 -4.44 -21.73
N LEU B 20 -13.29 -3.97 -21.00
CA LEU B 20 -13.07 -3.61 -19.60
C LEU B 20 -12.74 -4.84 -18.76
N PHE B 21 -13.35 -5.97 -19.07
CA PHE B 21 -13.07 -7.21 -18.35
C PHE B 21 -11.75 -7.82 -18.76
N LEU B 22 -11.44 -7.80 -20.07
CA LEU B 22 -10.20 -8.37 -20.58
C LEU B 22 -8.98 -7.60 -20.12
N GLU B 23 -9.16 -6.31 -19.83
CA GLU B 23 -8.06 -5.57 -19.24
C GLU B 23 -7.99 -5.77 -17.73
N GLY B 24 -8.93 -6.51 -17.14
CA GLY B 24 -8.88 -6.72 -15.72
C GLY B 24 -9.40 -5.57 -14.90
N ILE B 25 -9.93 -4.52 -15.54
CA ILE B 25 -10.43 -3.38 -14.79
C ILE B 25 -11.72 -3.76 -14.05
N LEU B 26 -12.61 -4.50 -14.71
CA LEU B 26 -13.86 -4.96 -14.10
C LEU B 26 -13.83 -6.47 -13.97
N ASP B 27 -14.36 -7.00 -12.85
CA ASP B 27 -14.45 -8.44 -12.69
C ASP B 27 -15.91 -8.91 -12.70
N SER B 28 -16.12 -10.19 -12.36
CA SER B 28 -17.44 -10.78 -12.56
C SER B 28 -18.49 -10.22 -11.62
N GLN B 29 -18.09 -9.45 -10.61
CA GLN B 29 -19.04 -8.77 -9.74
C GLN B 29 -19.82 -7.71 -10.49
N PHE B 30 -19.20 -7.06 -11.47
CA PHE B 30 -19.96 -6.08 -12.23
C PHE B 30 -21.06 -6.77 -13.00
N LEU B 31 -20.79 -7.98 -13.49
CA LEU B 31 -21.82 -8.71 -14.19
C LEU B 31 -22.96 -9.08 -13.23
N GLN B 32 -22.65 -9.23 -11.95
CA GLN B 32 -23.69 -9.41 -10.94
C GLN B 32 -24.59 -8.18 -10.85
N LEU B 33 -24.00 -6.96 -10.90
CA LEU B 33 -24.79 -5.73 -10.90
C LEU B 33 -25.72 -5.65 -12.10
N GLN B 34 -25.21 -5.96 -13.30
CA GLN B 34 -26.02 -5.84 -14.50
C GLN B 34 -27.20 -6.79 -14.45
N GLN B 35 -27.06 -7.90 -13.75
CA GLN B 35 -28.17 -8.83 -13.74
C GLN B 35 -29.25 -8.41 -12.76
N LEU B 36 -28.97 -7.43 -11.90
CA LEU B 36 -30.00 -6.86 -11.04
C LEU B 36 -30.79 -5.75 -11.72
N GLN B 37 -30.39 -5.33 -12.92
CA GLN B 37 -31.05 -4.29 -13.67
C GLN B 37 -31.97 -4.93 -14.70
N ASP B 38 -33.27 -4.63 -14.60
CA ASP B 38 -34.31 -5.16 -15.47
C ASP B 38 -35.23 -4.00 -15.83
N GLU B 39 -36.39 -4.33 -16.42
CA GLU B 39 -37.36 -3.30 -16.79
C GLU B 39 -37.87 -2.53 -15.58
N SER B 40 -37.93 -3.19 -14.42
CA SER B 40 -38.44 -2.54 -13.23
C SER B 40 -37.42 -1.67 -12.53
N ASN B 41 -36.13 -1.89 -12.80
CA ASN B 41 -35.06 -1.13 -12.18
C ASN B 41 -34.07 -0.62 -13.22
N PRO B 42 -34.51 0.25 -14.14
CA PRO B 42 -33.78 0.44 -15.40
C PRO B 42 -32.50 1.27 -15.30
N ASP B 43 -32.21 1.89 -14.16
CA ASP B 43 -30.99 2.67 -14.03
C ASP B 43 -30.12 2.17 -12.91
N PHE B 44 -30.38 0.95 -12.44
CA PHE B 44 -29.81 0.47 -11.19
C PHE B 44 -28.29 0.46 -11.23
N VAL B 45 -27.70 -0.03 -12.33
CA VAL B 45 -26.24 -0.10 -12.38
C VAL B 45 -25.66 1.30 -12.43
N SER B 46 -26.26 2.18 -13.24
CA SER B 46 -25.85 3.58 -13.30
C SER B 46 -25.95 4.22 -11.93
N GLN B 47 -27.04 3.94 -11.20
CA GLN B 47 -27.28 4.55 -9.89
C GLN B 47 -26.31 4.02 -8.83
N VAL B 48 -26.03 2.72 -8.82
CA VAL B 48 -25.12 2.16 -7.81
C VAL B 48 -23.75 2.76 -7.97
N VAL B 49 -23.27 2.81 -9.21
CA VAL B 49 -21.94 3.31 -9.50
C VAL B 49 -21.82 4.79 -9.14
N THR B 50 -22.88 5.59 -9.42
CA THR B 50 -22.87 7.00 -9.06
C THR B 50 -22.81 7.20 -7.53
N LEU B 51 -23.49 6.34 -6.78
CA LEU B 51 -23.36 6.37 -5.32
C LEU B 51 -21.96 5.97 -4.89
N PHE B 52 -21.40 4.94 -5.53
CA PHE B 52 -20.03 4.52 -5.22
C PHE B 52 -19.07 5.67 -5.46
N PHE B 53 -19.33 6.48 -6.49
CA PHE B 53 -18.46 7.61 -6.82
C PHE B 53 -18.51 8.68 -5.74
N GLN B 54 -19.72 9.04 -5.29
CA GLN B 54 -19.85 10.06 -4.26
C GLN B 54 -19.19 9.63 -2.96
N ASP B 55 -19.42 8.36 -2.57
CA ASP B 55 -18.88 7.88 -1.30
C ASP B 55 -17.37 7.77 -1.37
N SER B 56 -16.84 7.26 -2.49
CA SER B 56 -15.40 7.11 -2.59
C SER B 56 -14.72 8.44 -2.78
N ASP B 57 -15.38 9.40 -3.44
CA ASP B 57 -14.85 10.76 -3.50
C ASP B 57 -14.66 11.33 -2.09
N ARG B 58 -15.61 11.06 -1.19
CA ARG B 58 -15.49 11.50 0.20
C ARG B 58 -14.35 10.79 0.91
N ILE B 59 -14.23 9.47 0.70
CA ILE B 59 -13.20 8.70 1.39
C ILE B 59 -11.81 9.14 0.97
N LEU B 60 -11.64 9.50 -0.30
CA LEU B 60 -10.31 9.89 -0.76
C LEU B 60 -9.92 11.27 -0.26
N ASN B 61 -10.86 12.22 -0.17
CA ASN B 61 -10.53 13.47 0.49
C ASN B 61 -10.23 13.26 1.97
N ASP B 62 -11.00 12.38 2.62
CA ASP B 62 -10.78 12.18 4.05
C ASP B 62 -9.47 11.46 4.30
N LEU B 63 -9.06 10.59 3.37
CA LEU B 63 -7.77 9.92 3.51
C LEU B 63 -6.61 10.88 3.25
N SER B 64 -6.75 11.75 2.24
CA SER B 64 -5.68 12.68 1.90
C SER B 64 -5.42 13.65 3.04
N LEU B 65 -6.49 14.10 3.70
CA LEU B 65 -6.36 14.94 4.88
C LEU B 65 -5.73 14.18 6.04
N SER B 66 -6.13 12.91 6.25
CA SER B 66 -5.60 12.13 7.38
C SER B 66 -4.11 11.89 7.23
N LEU B 67 -3.67 11.54 6.01
CA LEU B 67 -2.25 11.25 5.76
C LEU B 67 -1.39 12.50 5.68
N ASP B 68 -1.99 13.67 5.49
CA ASP B 68 -1.22 14.90 5.50
C ASP B 68 -1.01 15.45 6.91
N GLN B 69 -1.59 14.83 7.92
CA GLN B 69 -1.43 15.28 9.30
C GLN B 69 0.00 15.04 9.77
N GLN B 70 0.44 15.85 10.73
CA GLN B 70 1.82 15.70 11.18
C GLN B 70 2.02 14.46 12.04
N VAL B 71 0.96 13.97 12.68
CA VAL B 71 0.96 12.65 13.31
C VAL B 71 -0.27 11.91 12.80
N VAL B 72 -0.04 10.92 11.92
CA VAL B 72 -1.13 10.21 11.26
C VAL B 72 -1.83 9.31 12.28
N ASP B 73 -3.16 9.33 12.26
CA ASP B 73 -3.96 8.52 13.15
C ASP B 73 -4.57 7.37 12.36
N PHE B 74 -3.89 6.21 12.39
CA PHE B 74 -4.31 5.06 11.58
C PHE B 74 -5.60 4.44 12.07
N LYS B 75 -6.01 4.77 13.30
CA LYS B 75 -7.35 4.45 13.75
C LYS B 75 -8.41 5.17 12.92
N LYS B 76 -8.05 6.32 12.33
CA LYS B 76 -8.94 7.07 11.44
C LYS B 76 -8.70 6.78 9.96
N VAL B 77 -7.53 6.23 9.62
CA VAL B 77 -7.24 5.92 8.22
C VAL B 77 -7.84 4.57 7.83
N ASP B 78 -7.69 3.56 8.69
CA ASP B 78 -8.09 2.20 8.34
C ASP B 78 -9.56 2.01 7.99
N PRO B 79 -10.56 2.48 8.77
CA PRO B 79 -11.95 2.18 8.42
C PRO B 79 -12.40 2.82 7.11
N HIS B 80 -11.74 3.90 6.69
CA HIS B 80 -11.94 4.44 5.35
C HIS B 80 -11.46 3.47 4.28
N VAL B 81 -10.22 3.00 4.43
CA VAL B 81 -9.62 2.10 3.46
C VAL B 81 -10.37 0.79 3.41
N HIS B 82 -10.81 0.32 4.58
CA HIS B 82 -11.54 -0.93 4.63
C HIS B 82 -12.87 -0.81 3.90
N GLN B 83 -13.55 0.33 4.07
CA GLN B 83 -14.82 0.54 3.38
C GLN B 83 -14.61 0.64 1.89
N LEU B 84 -13.56 1.31 1.44
CA LEU B 84 -13.32 1.44 0.01
C LEU B 84 -13.03 0.08 -0.62
N LYS B 85 -12.49 -0.87 0.14
CA LYS B 85 -12.31 -2.23 -0.39
C LYS B 85 -13.67 -2.88 -0.70
N GLY B 86 -14.55 -2.97 0.31
CA GLY B 86 -15.86 -3.58 0.09
C GLY B 86 -16.74 -2.80 -0.89
N SER B 87 -16.68 -1.46 -0.84
CA SER B 87 -17.30 -0.59 -1.84
C SER B 87 -16.87 -1.00 -3.25
N SER B 88 -15.56 -0.93 -3.53
CA SER B 88 -15.09 -1.22 -4.87
C SER B 88 -15.19 -2.70 -5.21
N SER B 89 -14.99 -3.58 -4.23
CA SER B 89 -15.14 -5.00 -4.56
C SER B 89 -16.58 -5.33 -4.90
N SER B 90 -17.55 -4.59 -4.35
CA SER B 90 -18.95 -4.92 -4.60
C SER B 90 -19.44 -4.43 -5.94
N ILE B 91 -18.78 -3.45 -6.55
CA ILE B 91 -19.13 -3.05 -7.91
C ILE B 91 -18.21 -3.69 -8.94
N GLY B 92 -17.20 -4.40 -8.52
CA GLY B 92 -16.36 -5.08 -9.46
C GLY B 92 -15.09 -4.38 -9.88
N ALA B 93 -14.69 -3.31 -9.18
CA ALA B 93 -13.49 -2.54 -9.52
C ALA B 93 -12.32 -3.30 -8.96
N GLN B 94 -11.82 -4.23 -9.76
CA GLN B 94 -10.93 -5.24 -9.24
C GLN B 94 -9.60 -4.66 -8.85
N ARG B 95 -9.04 -3.80 -9.70
CA ARG B 95 -7.75 -3.19 -9.36
C ARG B 95 -7.87 -2.23 -8.18
N VAL B 96 -9.02 -1.58 -8.01
CA VAL B 96 -9.20 -0.73 -6.85
C VAL B 96 -9.25 -1.57 -5.58
N LYS B 97 -10.09 -2.62 -5.62
CA LYS B 97 -10.22 -3.56 -4.51
C LYS B 97 -8.87 -4.08 -4.08
N ASN B 98 -8.05 -4.49 -5.06
CA ASN B 98 -6.74 -5.04 -4.74
C ASN B 98 -5.82 -3.97 -4.19
N ALA B 99 -5.89 -2.75 -4.73
CA ALA B 99 -5.05 -1.68 -4.23
C ALA B 99 -5.38 -1.34 -2.78
N CYS B 100 -6.66 -1.43 -2.38
CA CYS B 100 -7.02 -1.19 -0.98
C CYS B 100 -6.50 -2.29 -0.08
N VAL B 101 -6.42 -3.52 -0.59
CA VAL B 101 -5.93 -4.63 0.23
C VAL B 101 -4.47 -4.43 0.59
N VAL B 102 -3.65 -3.94 -0.35
CA VAL B 102 -2.25 -3.67 -0.01
C VAL B 102 -2.15 -2.48 0.95
N PHE B 103 -2.97 -1.45 0.72
CA PHE B 103 -3.07 -0.30 1.61
C PHE B 103 -3.37 -0.74 3.05
N ARG B 104 -4.36 -1.62 3.21
CA ARG B 104 -4.71 -2.06 4.56
C ARG B 104 -3.55 -2.76 5.23
N SER B 105 -2.71 -3.44 4.44
CA SER B 105 -1.51 -4.09 4.97
C SER B 105 -0.50 -3.09 5.49
N PHE B 106 -0.41 -1.92 4.87
CA PHE B 106 0.57 -0.95 5.31
C PHE B 106 0.01 -0.01 6.33
N CYS B 107 -1.31 0.17 6.31
CA CYS B 107 -1.99 0.81 7.43
C CYS B 107 -1.84 0.00 8.71
N GLU B 108 -1.98 -1.33 8.63
CA GLU B 108 -1.80 -2.18 9.80
C GLU B 108 -0.36 -2.16 10.31
N GLN B 109 0.60 -1.84 9.46
CA GLN B 109 1.98 -1.68 9.90
C GLN B 109 2.29 -0.27 10.33
N GLN B 110 1.35 0.67 10.13
CA GLN B 110 1.51 2.08 10.49
C GLN B 110 2.78 2.65 9.87
N ASN B 111 2.91 2.42 8.58
CA ASN B 111 4.05 2.83 7.75
C ASN B 111 3.57 3.99 6.89
N VAL B 112 3.87 5.22 7.32
CA VAL B 112 3.28 6.40 6.70
C VAL B 112 3.80 6.60 5.28
N GLU B 113 5.09 6.38 5.05
CA GLU B 113 5.63 6.52 3.70
C GLU B 113 4.97 5.53 2.75
N ALA B 114 4.72 4.30 3.21
CA ALA B 114 4.04 3.32 2.38
C ALA B 114 2.59 3.71 2.12
N CYS B 115 1.91 4.26 3.11
CA CYS B 115 0.51 4.62 2.93
C CYS B 115 0.35 5.72 1.88
N HIS B 116 1.35 6.58 1.75
CA HIS B 116 1.30 7.60 0.70
C HIS B 116 1.39 6.96 -0.67
N ARG B 117 2.22 5.93 -0.82
CA ARG B 117 2.26 5.22 -2.09
C ARG B 117 0.94 4.51 -2.37
N CYS B 118 0.34 3.95 -1.33
CA CYS B 118 -0.92 3.26 -1.51
C CYS B 118 -2.05 4.22 -1.84
N LEU B 119 -2.11 5.38 -1.16
CA LEU B 119 -3.16 6.32 -1.47
C LEU B 119 -3.05 6.80 -2.92
N GLN B 120 -1.82 6.92 -3.44
CA GLN B 120 -1.66 7.26 -4.85
C GLN B 120 -2.10 6.11 -5.75
N GLN B 121 -1.77 4.87 -5.38
CA GLN B 121 -2.19 3.73 -6.19
C GLN B 121 -3.70 3.57 -6.19
N VAL B 122 -4.35 3.82 -5.05
CA VAL B 122 -5.79 3.67 -4.98
C VAL B 122 -6.48 4.75 -5.80
N LYS B 123 -6.02 6.00 -5.69
CA LYS B 123 -6.60 7.09 -6.49
C LYS B 123 -6.48 6.81 -7.99
N GLN B 124 -5.29 6.39 -8.44
CA GLN B 124 -5.06 6.18 -9.87
C GLN B 124 -5.93 5.07 -10.41
N GLU B 125 -6.10 3.98 -9.63
CA GLU B 125 -6.98 2.92 -10.10
C GLU B 125 -8.45 3.33 -10.03
N TYR B 126 -8.81 4.16 -9.03
CA TYR B 126 -10.17 4.68 -8.94
C TYR B 126 -10.50 5.60 -10.10
N TYR B 127 -9.62 6.57 -10.36
CA TYR B 127 -9.89 7.50 -11.45
C TYR B 127 -9.91 6.80 -12.80
N LEU B 128 -9.18 5.69 -12.96
CA LEU B 128 -9.27 4.90 -14.17
C LEU B 128 -10.64 4.24 -14.32
N VAL B 129 -11.12 3.56 -13.28
CA VAL B 129 -12.40 2.89 -13.43
C VAL B 129 -13.52 3.92 -13.49
N LYS B 130 -13.35 5.06 -12.81
CA LYS B 130 -14.35 6.11 -12.89
C LYS B 130 -14.45 6.66 -14.30
N ASN B 131 -13.32 6.82 -14.99
CA ASN B 131 -13.39 7.26 -16.38
C ASN B 131 -14.04 6.20 -17.27
N ARG B 132 -13.77 4.92 -17.01
CA ARG B 132 -14.32 3.90 -17.89
C ARG B 132 -15.82 3.72 -17.68
N LEU B 133 -16.27 3.73 -16.42
CA LEU B 133 -17.69 3.57 -16.16
C LEU B 133 -18.49 4.75 -16.66
N GLU B 134 -17.93 5.96 -16.55
CA GLU B 134 -18.63 7.14 -17.07
C GLU B 134 -18.77 7.06 -18.59
N THR B 135 -17.72 6.60 -19.28
CA THR B 135 -17.80 6.43 -20.72
C THR B 135 -18.82 5.35 -21.09
N LEU B 136 -18.86 4.27 -20.30
CA LEU B 136 -19.80 3.18 -20.53
C LEU B 136 -21.24 3.64 -20.47
N PHE B 137 -21.64 4.34 -19.40
CA PHE B 137 -23.03 4.75 -19.28
C PHE B 137 -23.40 5.81 -20.32
N LYS B 138 -22.44 6.67 -20.68
CA LYS B 138 -22.68 7.65 -21.73
C LYS B 138 -22.92 6.96 -23.07
N LEU B 139 -22.14 5.92 -23.38
CA LEU B 139 -22.38 5.16 -24.60
C LEU B 139 -23.71 4.43 -24.57
N GLU B 140 -24.06 3.82 -23.41
CA GLU B 140 -25.31 3.07 -23.27
C GLU B 140 -26.52 3.99 -23.35
N GLN B 141 -26.50 5.12 -22.63
CA GLN B 141 -27.64 6.01 -22.67
C GLN B 141 -27.83 6.61 -24.05
N GLN B 142 -26.74 6.80 -24.79
CA GLN B 142 -26.82 7.22 -26.18
C GLN B 142 -27.54 6.18 -27.03
N ILE B 143 -27.25 4.90 -26.80
CA ILE B 143 -27.87 3.83 -27.58
C ILE B 143 -29.33 3.67 -27.22
N VAL B 144 -29.65 3.68 -25.92
CA VAL B 144 -31.02 3.50 -25.47
C VAL B 144 -31.93 4.59 -25.99
N ALA B 145 -31.46 5.84 -25.91
CA ALA B 145 -32.21 6.99 -26.38
C ALA B 145 -32.42 6.96 -27.89
N SER B 146 -31.59 6.22 -28.63
CA SER B 146 -31.78 6.07 -30.07
C SER B 146 -32.78 4.97 -30.43
N GLY B 147 -33.37 4.29 -29.45
CA GLY B 147 -34.20 3.14 -29.76
C GLY B 147 -33.41 1.86 -29.83
N GLY B 148 -32.20 1.88 -29.34
CA GLY B 148 -31.32 0.74 -29.42
C GLY B 148 -31.55 -0.23 -28.29
N MET B 149 -30.51 -1.00 -28.01
CA MET B 149 -30.59 -2.16 -27.16
C MET B 149 -29.16 -2.41 -26.72
N ILE B 150 -28.95 -2.70 -25.44
CA ILE B 150 -27.59 -2.77 -24.88
C ILE B 150 -27.15 -4.22 -24.85
N PRO B 151 -26.20 -4.63 -25.68
CA PRO B 151 -25.84 -6.05 -25.79
C PRO B 151 -25.21 -6.58 -24.51
N ALA B 152 -25.47 -7.86 -24.25
CA ALA B 152 -24.84 -8.59 -23.17
C ALA B 152 -23.38 -8.83 -23.48
N VAL B 153 -22.54 -8.80 -22.44
CA VAL B 153 -21.10 -9.02 -22.61
C VAL B 153 -20.88 -10.42 -23.18
N GLU B 154 -20.21 -10.51 -24.31
CA GLU B 154 -20.00 -11.84 -24.89
C GLU B 154 -18.76 -12.47 -24.26
N LEU B 155 -18.92 -12.82 -22.97
CA LEU B 155 -17.87 -13.44 -22.15
C LEU B 155 -18.45 -14.55 -21.31
N GLY B 156 -17.87 -15.76 -21.37
CA GLY B 156 -18.50 -16.85 -20.65
C GLY B 156 -18.05 -17.02 -19.20
N PHE B 157 -18.70 -16.30 -18.30
CA PHE B 157 -18.64 -16.58 -16.89
C PHE B 157 -19.74 -17.62 -16.61
N ARG C 17 20.78 20.61 -15.60
CA ARG C 17 20.62 21.23 -14.29
C ARG C 17 21.40 20.46 -13.22
N VAL C 18 21.27 19.13 -13.14
CA VAL C 18 21.82 18.37 -12.01
C VAL C 18 22.75 17.27 -12.49
N LEU C 19 24.00 17.31 -12.00
CA LEU C 19 24.96 16.22 -12.15
C LEU C 19 24.81 15.28 -10.98
N VAL C 20 24.73 13.97 -11.25
CA VAL C 20 24.53 12.95 -10.24
C VAL C 20 25.69 11.96 -10.31
N VAL C 21 26.36 11.74 -9.18
CA VAL C 21 27.57 10.96 -9.13
C VAL C 21 27.32 9.78 -8.19
N ASP C 22 27.19 8.58 -8.73
CA ASP C 22 26.85 7.40 -7.93
C ASP C 22 27.39 6.17 -8.63
N ASP C 23 28.20 5.37 -7.93
CA ASP C 23 28.68 4.14 -8.55
C ASP C 23 27.65 3.01 -8.51
N ASP C 24 26.52 3.19 -7.80
CA ASP C 24 25.44 2.21 -7.83
C ASP C 24 24.58 2.45 -9.05
N PRO C 25 24.68 1.58 -10.06
CA PRO C 25 23.93 1.81 -11.31
C PRO C 25 22.42 1.79 -11.16
N THR C 26 21.88 0.91 -10.30
CA THR C 26 20.43 0.86 -10.09
C THR C 26 19.93 2.12 -9.42
N CYS C 27 20.60 2.54 -8.33
CA CYS C 27 20.21 3.78 -7.66
C CYS C 27 20.39 4.98 -8.58
N LEU C 28 21.38 4.93 -9.45
CA LEU C 28 21.58 6.00 -10.41
C LEU C 28 20.45 6.03 -11.43
N MET C 29 20.08 4.87 -11.97
CA MET C 29 19.04 4.83 -12.99
C MET C 29 17.67 5.20 -12.43
N ILE C 30 17.41 4.85 -11.17
CA ILE C 30 16.17 5.26 -10.52
C ILE C 30 16.17 6.77 -10.26
N LEU C 31 17.27 7.28 -9.68
CA LEU C 31 17.33 8.69 -9.28
C LEU C 31 17.27 9.62 -10.47
N GLU C 32 17.83 9.20 -11.60
CA GLU C 32 17.72 9.98 -12.82
C GLU C 32 16.26 10.10 -13.25
N ARG C 33 15.54 8.97 -13.20
CA ARG C 33 14.12 8.97 -13.51
C ARG C 33 13.34 9.86 -12.56
N MET C 34 13.63 9.77 -11.27
CA MET C 34 12.91 10.60 -10.30
C MET C 34 13.19 12.08 -10.50
N LEU C 35 14.46 12.43 -10.73
CA LEU C 35 14.80 13.83 -10.95
C LEU C 35 14.19 14.33 -12.25
N ARG C 36 14.04 13.43 -13.23
CA ARG C 36 13.47 13.86 -14.51
C ARG C 36 11.98 14.15 -14.39
N THR C 37 11.27 13.39 -13.56
CA THR C 37 9.87 13.71 -13.32
C THR C 37 9.72 15.01 -12.55
N CYS C 38 10.72 15.41 -11.78
CA CYS C 38 10.73 16.75 -11.19
C CYS C 38 11.26 17.82 -12.15
N LEU C 39 11.46 17.45 -13.43
CA LEU C 39 11.86 18.36 -14.51
C LEU C 39 13.24 18.97 -14.30
N TYR C 40 14.20 18.13 -13.95
CA TYR C 40 15.61 18.50 -13.98
C TYR C 40 16.27 17.83 -15.18
N GLU C 41 17.16 18.56 -15.84
CA GLU C 41 18.08 17.91 -16.76
C GLU C 41 19.09 17.14 -15.93
N VAL C 42 19.40 15.92 -16.34
CA VAL C 42 20.19 15.04 -15.48
C VAL C 42 21.35 14.48 -16.29
N THR C 43 22.54 14.55 -15.70
CA THR C 43 23.77 14.00 -16.25
C THR C 43 24.32 12.98 -15.26
N LYS C 44 24.62 11.76 -15.74
CA LYS C 44 25.12 10.74 -14.84
C LYS C 44 26.64 10.70 -14.82
N CYS C 45 27.17 10.19 -13.71
CA CYS C 45 28.60 10.09 -13.52
C CYS C 45 28.83 9.06 -12.42
N ASN C 46 29.95 8.33 -12.52
CA ASN C 46 30.24 7.29 -11.53
C ASN C 46 31.68 7.30 -11.05
N ARG C 47 32.48 8.29 -11.44
CA ARG C 47 33.82 8.46 -10.89
C ARG C 47 33.94 9.89 -10.39
N ALA C 48 34.54 10.04 -9.22
CA ALA C 48 34.63 11.38 -8.63
C ALA C 48 35.59 12.26 -9.41
N GLU C 49 36.72 11.70 -9.83
CA GLU C 49 37.61 12.43 -10.70
C GLU C 49 36.98 12.70 -12.06
N MET C 50 36.02 11.88 -12.48
CA MET C 50 35.27 12.16 -13.70
C MET C 50 34.30 13.31 -13.50
N ALA C 51 33.59 13.31 -12.38
CA ALA C 51 32.68 14.41 -12.08
C ALA C 51 33.44 15.72 -11.88
N LEU C 52 34.64 15.65 -11.31
CA LEU C 52 35.43 16.86 -11.10
C LEU C 52 35.83 17.49 -12.43
N SER C 53 36.29 16.67 -13.39
CA SER C 53 36.69 17.23 -14.68
C SER C 53 35.48 17.70 -15.47
N LEU C 54 34.33 17.04 -15.30
CA LEU C 54 33.10 17.51 -15.93
C LEU C 54 32.70 18.88 -15.39
N LEU C 55 32.80 19.06 -14.07
CA LEU C 55 32.50 20.35 -13.46
C LEU C 55 33.55 21.38 -13.79
N ARG C 56 34.78 20.95 -14.05
CA ARG C 56 35.86 21.89 -14.33
C ARG C 56 35.65 22.63 -15.65
N LYS C 57 34.95 22.04 -16.61
CA LYS C 57 34.87 22.62 -17.95
C LYS C 57 34.05 23.92 -17.93
N ASN C 58 34.51 24.89 -18.73
CA ASN C 58 33.88 26.21 -18.86
C ASN C 58 32.43 26.11 -19.34
N LYS C 59 31.57 26.96 -18.78
CA LYS C 59 30.18 27.18 -19.21
C LYS C 59 29.31 25.92 -19.05
N HIS C 60 29.81 24.94 -18.29
CA HIS C 60 29.12 23.66 -18.08
C HIS C 60 27.72 23.82 -17.49
N GLY C 61 27.47 24.87 -16.72
CA GLY C 61 26.14 25.24 -16.25
C GLY C 61 25.39 24.21 -15.41
N PHE C 62 26.09 23.49 -14.54
CA PHE C 62 25.42 22.56 -13.63
C PHE C 62 24.89 23.32 -12.42
N ASP C 63 23.61 23.11 -12.09
CA ASP C 63 23.00 23.85 -10.99
C ASP C 63 23.16 23.18 -9.62
N ILE C 64 23.14 21.85 -9.53
CA ILE C 64 23.28 21.13 -8.27
C ILE C 64 24.01 19.81 -8.56
N VAL C 65 24.87 19.40 -7.64
CA VAL C 65 25.48 18.08 -7.70
C VAL C 65 24.90 17.23 -6.57
N ILE C 66 24.42 16.03 -6.90
CA ILE C 66 24.09 14.99 -5.93
C ILE C 66 25.16 13.93 -6.03
N SER C 67 25.83 13.63 -4.93
CA SER C 67 26.97 12.72 -4.95
C SER C 67 26.87 11.73 -3.79
N ASP C 68 27.23 10.48 -4.05
CA ASP C 68 27.29 9.45 -3.02
C ASP C 68 28.54 9.65 -2.18
N VAL C 69 28.44 9.27 -0.91
CA VAL C 69 29.60 9.20 -0.05
C VAL C 69 30.52 8.07 -0.50
N HIS C 70 29.94 6.95 -0.92
CA HIS C 70 30.75 5.84 -1.38
C HIS C 70 31.08 6.05 -2.85
N MET C 71 32.38 6.23 -3.13
CA MET C 71 32.90 6.52 -4.45
C MET C 71 34.19 5.72 -4.63
N PRO C 72 34.34 5.00 -5.76
CA PRO C 72 35.43 4.01 -5.87
C PRO C 72 36.79 4.63 -6.14
N ASP C 73 36.86 5.84 -6.67
CA ASP C 73 38.13 6.45 -7.04
C ASP C 73 38.50 7.66 -6.18
N MET C 74 37.73 7.96 -5.13
CA MET C 74 38.02 9.09 -4.25
C MET C 74 37.23 8.90 -2.97
N ASP C 75 37.77 9.42 -1.86
CA ASP C 75 36.96 9.61 -0.67
C ASP C 75 35.81 10.52 -1.03
N GLY C 76 34.58 9.99 -1.00
CA GLY C 76 33.44 10.77 -1.39
C GLY C 76 33.17 11.97 -0.51
N PHE C 77 33.74 12.00 0.70
CA PHE C 77 33.69 13.22 1.49
C PHE C 77 34.68 14.28 0.97
N LYS C 78 35.86 13.86 0.51
CA LYS C 78 36.78 14.79 -0.13
C LYS C 78 36.20 15.31 -1.46
N LEU C 79 35.36 14.51 -2.11
CA LEU C 79 34.63 15.02 -3.28
C LEU C 79 33.64 16.11 -2.89
N LEU C 80 33.00 15.97 -1.73
CA LEU C 80 32.13 17.03 -1.24
C LEU C 80 32.91 18.29 -0.96
N GLU C 81 34.13 18.15 -0.46
CA GLU C 81 34.99 19.31 -0.24
C GLU C 81 35.27 20.02 -1.55
N HIS C 82 35.60 19.26 -2.61
CA HIS C 82 36.00 19.87 -3.88
C HIS C 82 34.83 20.59 -4.54
N VAL C 83 33.64 20.03 -4.46
CA VAL C 83 32.47 20.59 -5.12
C VAL C 83 31.75 21.61 -4.23
N GLY C 84 31.71 21.38 -2.92
CA GLY C 84 31.02 22.27 -2.02
C GLY C 84 31.81 23.52 -1.66
N LEU C 85 33.10 23.36 -1.33
CA LEU C 85 33.95 24.41 -0.79
C LEU C 85 34.95 25.03 -1.77
N GLU C 86 35.79 24.23 -2.46
CA GLU C 86 36.71 24.79 -3.45
C GLU C 86 35.97 25.44 -4.62
N MET C 87 34.87 24.84 -5.05
CA MET C 87 33.99 25.47 -6.02
C MET C 87 32.80 25.99 -5.22
N ASP C 88 32.20 27.09 -5.65
CA ASP C 88 31.10 27.65 -4.86
C ASP C 88 29.77 26.98 -5.24
N LEU C 89 29.69 25.66 -5.03
CA LEU C 89 28.52 24.96 -5.58
C LEU C 89 27.73 24.20 -4.53
N PRO C 90 26.40 24.08 -4.72
CA PRO C 90 25.58 23.25 -3.83
C PRO C 90 25.76 21.78 -4.15
N VAL C 91 26.39 21.04 -3.24
CA VAL C 91 26.49 19.59 -3.38
C VAL C 91 25.63 18.98 -2.29
N ILE C 92 24.86 17.96 -2.66
CA ILE C 92 23.95 17.29 -1.75
C ILE C 92 24.46 15.88 -1.54
N MET C 93 24.71 15.56 -0.28
CA MET C 93 25.26 14.26 0.10
C MET C 93 24.23 13.15 -0.08
N MET C 94 24.70 11.95 -0.43
CA MET C 94 23.79 10.83 -0.67
C MET C 94 24.40 9.57 -0.09
N SER C 95 23.61 8.79 0.64
CA SER C 95 24.18 7.60 1.27
C SER C 95 23.07 6.68 1.71
N ALA C 96 23.36 5.38 1.68
CA ALA C 96 22.48 4.36 2.25
C ALA C 96 22.81 4.10 3.71
N ASP C 97 23.72 4.87 4.30
CA ASP C 97 23.99 4.85 5.73
C ASP C 97 23.20 5.98 6.39
N ASP C 98 22.51 5.65 7.47
CA ASP C 98 21.53 6.53 8.08
C ASP C 98 22.07 7.27 9.29
N SER C 99 23.23 6.87 9.79
CA SER C 99 23.66 7.22 11.13
C SER C 99 23.92 8.72 11.27
N LYS C 100 23.72 9.22 12.50
CA LYS C 100 23.97 10.62 12.80
C LYS C 100 25.41 11.02 12.51
N SER C 101 26.34 10.06 12.67
CA SER C 101 27.75 10.31 12.40
C SER C 101 27.99 10.63 10.92
N VAL C 102 27.32 9.90 10.02
CA VAL C 102 27.49 10.13 8.58
C VAL C 102 26.86 11.45 8.16
N VAL C 103 25.69 11.78 8.74
CA VAL C 103 24.99 13.02 8.40
C VAL C 103 25.81 14.25 8.82
N LEU C 104 26.43 14.19 10.00
CA LEU C 104 27.29 15.30 10.46
C LEU C 104 28.50 15.45 9.55
N LYS C 105 29.05 14.34 9.05
CA LYS C 105 30.20 14.39 8.15
C LYS C 105 29.86 15.03 6.80
N GLY C 106 28.57 15.10 6.43
CA GLY C 106 28.19 15.85 5.24
C GLY C 106 28.38 17.35 5.38
N VAL C 107 27.88 17.94 6.49
CA VAL C 107 28.00 19.39 6.69
C VAL C 107 29.47 19.76 6.82
N THR C 108 30.18 19.01 7.66
CA THR C 108 31.58 19.27 7.98
C THR C 108 32.51 19.00 6.80
N HIS C 109 31.99 18.59 5.64
CA HIS C 109 32.81 18.49 4.43
C HIS C 109 32.25 19.28 3.26
N GLY C 110 31.29 20.19 3.49
CA GLY C 110 30.87 21.16 2.50
C GLY C 110 29.54 20.88 1.82
N ALA C 111 28.93 19.72 2.07
CA ALA C 111 27.62 19.44 1.50
C ALA C 111 26.57 20.36 2.12
N VAL C 112 25.55 20.67 1.32
CA VAL C 112 24.55 21.66 1.68
C VAL C 112 23.26 21.03 2.15
N ASP C 113 23.03 19.75 1.84
CA ASP C 113 21.91 18.96 2.32
C ASP C 113 22.27 17.50 2.14
N TYR C 114 21.32 16.60 2.41
CA TYR C 114 21.59 15.18 2.27
C TYR C 114 20.33 14.43 1.82
N LEU C 115 20.55 13.28 1.16
CA LEU C 115 19.48 12.35 0.77
C LEU C 115 19.87 10.93 1.16
N ILE C 116 18.96 10.22 1.82
CA ILE C 116 19.23 8.87 2.29
C ILE C 116 18.62 7.86 1.33
N LYS C 117 19.42 6.88 0.90
CA LYS C 117 18.93 5.82 0.02
C LYS C 117 18.13 4.81 0.84
N PRO C 118 16.90 4.46 0.41
CA PRO C 118 16.26 4.79 -0.86
C PRO C 118 15.70 6.19 -0.86
N VAL C 119 15.98 6.90 -1.96
CA VAL C 119 15.69 8.32 -2.07
C VAL C 119 14.19 8.54 -2.12
N ARG C 120 13.67 9.29 -1.15
CA ARG C 120 12.27 9.66 -1.13
C ARG C 120 11.97 10.65 -2.24
N MET C 121 10.85 10.44 -2.91
CA MET C 121 10.45 11.39 -3.95
C MET C 121 10.12 12.74 -3.34
N GLU C 122 9.58 12.74 -2.12
CA GLU C 122 9.33 13.99 -1.41
C GLU C 122 10.62 14.72 -1.09
N ALA C 123 11.66 13.97 -0.73
CA ALA C 123 12.93 14.58 -0.39
C ALA C 123 13.57 15.27 -1.58
N LEU C 124 13.22 14.86 -2.80
CA LEU C 124 13.76 15.48 -3.99
C LEU C 124 13.13 16.83 -4.27
N LYS C 125 11.88 17.06 -3.86
CA LYS C 125 11.30 18.37 -4.09
C LYS C 125 11.95 19.44 -3.22
N ASN C 126 12.48 19.04 -2.06
CA ASN C 126 13.13 19.98 -1.16
C ASN C 126 14.50 20.46 -1.62
N ILE C 127 15.07 19.86 -2.68
CA ILE C 127 16.39 20.27 -3.14
C ILE C 127 16.33 21.46 -4.10
N TRP C 128 15.17 21.73 -4.70
CA TRP C 128 14.98 22.92 -5.54
C TRP C 128 15.24 24.20 -4.76
N GLN C 129 14.92 24.17 -3.47
CA GLN C 129 15.30 25.19 -2.51
C GLN C 129 16.77 25.60 -2.62
N HIS C 130 17.68 24.64 -2.76
CA HIS C 130 19.11 24.96 -2.72
C HIS C 130 19.63 25.61 -4.00
N VAL C 131 19.03 25.38 -5.15
CA VAL C 131 19.50 26.07 -6.35
C VAL C 131 18.98 27.51 -6.37
N VAL C 132 17.75 27.74 -5.88
CA VAL C 132 17.20 29.10 -5.88
C VAL C 132 17.91 29.98 -4.86
N ARG C 133 18.27 29.40 -3.70
CA ARG C 133 19.13 30.10 -2.75
C ARG C 133 20.50 30.39 -3.38
N LYS C 134 20.98 29.47 -4.24
CA LYS C 134 22.21 29.71 -5.00
C LYS C 134 22.05 30.84 -6.02
N ARG C 135 20.91 30.90 -6.71
CA ARG C 135 20.77 31.87 -7.81
C ARG C 135 20.57 33.32 -7.36
N ARG C 136 20.59 33.63 -6.06
CA ARG C 136 20.38 35.00 -5.59
C ARG C 136 21.57 35.92 -5.83
N SER C 137 22.72 35.39 -6.21
CA SER C 137 23.93 36.17 -6.46
C SER C 137 23.78 37.17 -7.63
N LYS C 215 29.35 36.61 -14.93
CA LYS C 215 30.38 35.84 -14.26
C LYS C 215 31.14 36.72 -13.24
N LYS C 216 31.11 36.34 -11.97
CA LYS C 216 31.51 37.21 -10.85
C LYS C 216 32.30 36.37 -9.83
N PRO C 217 33.11 37.04 -8.97
CA PRO C 217 34.15 36.27 -8.24
C PRO C 217 33.59 35.33 -7.19
N ARG C 218 34.15 34.12 -7.14
CA ARG C 218 33.87 33.15 -6.09
C ARG C 218 34.46 33.61 -4.75
N VAL C 219 33.91 33.05 -3.66
CA VAL C 219 34.53 33.13 -2.33
C VAL C 219 34.72 31.71 -1.84
N VAL C 220 35.97 31.30 -1.72
CA VAL C 220 36.31 29.91 -1.42
C VAL C 220 36.66 29.79 0.05
N TRP C 221 36.07 28.82 0.71
CA TRP C 221 36.39 28.52 2.10
C TRP C 221 37.31 27.31 2.14
N SER C 222 38.39 27.42 2.91
CA SER C 222 39.18 26.24 3.19
C SER C 222 38.36 25.29 4.04
N VAL C 223 38.71 24.00 3.94
CA VAL C 223 37.92 22.96 4.61
C VAL C 223 37.97 23.14 6.12
N GLU C 224 39.12 23.56 6.64
CA GLU C 224 39.28 23.76 8.08
C GLU C 224 38.53 24.98 8.57
N LEU C 225 38.54 26.07 7.78
CA LEU C 225 37.78 27.26 8.16
C LEU C 225 36.28 26.98 8.17
N HIS C 226 35.80 26.18 7.20
CA HIS C 226 34.41 25.73 7.22
C HIS C 226 34.13 24.84 8.43
N GLN C 227 35.08 23.98 8.78
CA GLN C 227 34.87 23.04 9.88
C GLN C 227 34.80 23.74 11.22
N GLN C 228 35.49 24.88 11.37
CA GLN C 228 35.26 25.66 12.58
C GLN C 228 34.04 26.58 12.47
N PHE C 229 33.55 26.84 11.26
CA PHE C 229 32.26 27.51 11.15
C PHE C 229 31.14 26.63 11.67
N VAL C 230 31.16 25.35 11.29
CA VAL C 230 30.14 24.42 11.79
C VAL C 230 30.41 24.09 13.25
N ALA C 231 31.65 24.23 13.71
CA ALA C 231 31.91 24.08 15.14
C ALA C 231 31.28 25.21 15.92
N ALA C 232 31.38 26.45 15.41
CA ALA C 232 30.84 27.60 16.12
C ALA C 232 29.31 27.59 16.17
N VAL C 233 28.64 27.25 15.07
CA VAL C 233 27.18 27.32 15.06
C VAL C 233 26.57 26.21 15.91
N ASN C 234 27.17 25.01 15.91
CA ASN C 234 26.63 23.93 16.72
C ASN C 234 27.00 24.07 18.19
N GLN C 235 28.12 24.74 18.49
CA GLN C 235 28.35 25.13 19.88
C GLN C 235 27.44 26.28 20.28
N LEU C 236 27.07 27.16 19.34
CA LEU C 236 26.18 28.27 19.66
C LEU C 236 24.70 27.86 19.72
N GLY C 237 24.33 26.71 19.18
CA GLY C 237 22.92 26.45 18.94
C GLY C 237 22.54 27.02 17.59
N VAL C 238 21.96 26.19 16.71
CA VAL C 238 21.72 26.61 15.34
C VAL C 238 20.71 27.75 15.28
N GLU C 239 19.69 27.71 16.15
CA GLU C 239 18.74 28.82 16.26
C GLU C 239 19.44 30.07 16.75
N LYS C 240 20.30 29.93 17.75
CA LYS C 240 20.93 31.09 18.40
C LYS C 240 22.04 31.68 17.56
N ALA C 241 22.70 30.87 16.71
CA ALA C 241 23.91 31.29 16.02
C ALA C 241 23.60 32.38 15.00
N VAL C 242 24.22 33.54 15.19
CA VAL C 242 23.96 34.76 14.43
C VAL C 242 25.34 35.25 14.00
N PRO C 243 25.49 35.81 12.77
CA PRO C 243 26.80 36.22 12.24
C PRO C 243 27.79 36.92 13.17
N LYS C 244 27.33 37.68 14.17
CA LYS C 244 28.28 38.34 15.07
C LYS C 244 29.00 37.34 15.98
N LYS C 245 28.26 36.44 16.63
CA LYS C 245 28.91 35.54 17.59
C LYS C 245 29.56 34.34 16.91
N ILE C 246 29.10 33.95 15.72
CA ILE C 246 29.76 32.88 14.97
C ILE C 246 31.17 33.30 14.60
N LEU C 247 31.35 34.55 14.19
CA LEU C 247 32.68 35.09 13.95
C LEU C 247 33.45 35.31 15.24
N GLU C 248 32.75 35.71 16.32
CA GLU C 248 33.40 35.92 17.60
C GLU C 248 33.85 34.63 18.26
N LEU C 249 33.27 33.48 17.91
CA LEU C 249 33.76 32.22 18.44
C LEU C 249 34.87 31.59 17.60
N MET C 250 34.84 31.77 16.28
CA MET C 250 35.90 31.22 15.44
C MET C 250 37.23 31.92 15.71
N ASN C 251 37.18 33.24 15.91
CA ASN C 251 38.35 34.10 16.12
C ASN C 251 39.42 33.84 15.06
N VAL C 252 39.03 34.11 13.82
CA VAL C 252 39.88 33.96 12.65
C VAL C 252 40.25 35.35 12.17
N PRO C 253 41.50 35.78 12.29
CA PRO C 253 41.90 37.10 11.76
C PRO C 253 41.84 37.10 10.23
N GLY C 254 41.12 38.09 9.68
CA GLY C 254 40.84 38.14 8.27
C GLY C 254 39.51 37.53 7.85
N LEU C 255 38.70 37.07 8.81
CA LEU C 255 37.34 36.62 8.53
C LEU C 255 36.36 37.72 8.90
N THR C 256 35.55 38.15 7.93
CA THR C 256 34.58 39.23 8.13
C THR C 256 33.20 38.65 8.45
N ARG C 257 32.25 39.54 8.76
CA ARG C 257 30.92 39.10 9.13
C ARG C 257 30.06 38.69 7.93
N GLU C 258 30.29 39.27 6.75
CA GLU C 258 29.51 38.90 5.58
C GLU C 258 30.06 37.68 4.86
N ASN C 259 31.27 37.25 5.23
CA ASN C 259 31.67 35.88 4.95
C ASN C 259 30.77 34.93 5.72
N VAL C 260 30.60 35.20 7.02
CA VAL C 260 29.76 34.38 7.89
C VAL C 260 28.28 34.54 7.54
N ALA C 261 27.87 35.75 7.15
CA ALA C 261 26.45 36.00 6.84
C ALA C 261 25.99 35.19 5.63
N SER C 262 26.80 35.14 4.57
CA SER C 262 26.45 34.35 3.40
C SER C 262 26.76 32.87 3.56
N HIS C 263 27.66 32.52 4.47
CA HIS C 263 27.89 31.11 4.79
C HIS C 263 26.75 30.55 5.63
N LEU C 264 26.21 31.37 6.55
CA LEU C 264 24.98 30.99 7.23
C LEU C 264 23.83 30.87 6.25
N GLN C 265 23.77 31.76 5.27
CA GLN C 265 22.78 31.67 4.19
C GLN C 265 22.87 30.35 3.45
N LYS C 266 24.09 29.88 3.16
CA LYS C 266 24.26 28.68 2.36
C LYS C 266 23.92 27.42 3.16
N TYR C 267 24.36 27.32 4.41
CA TYR C 267 24.26 26.08 5.15
C TYR C 267 23.17 26.09 6.22
N ARG C 268 22.27 27.09 6.20
CA ARG C 268 21.22 27.20 7.22
C ARG C 268 20.36 25.95 7.22
N ILE C 269 20.00 25.49 6.04
CA ILE C 269 19.04 24.40 5.91
C ILE C 269 19.63 23.11 6.46
N TYR C 270 20.89 22.82 6.14
CA TYR C 270 21.52 21.60 6.63
C TYR C 270 21.70 21.63 8.14
N LEU C 271 22.10 22.78 8.68
CA LEU C 271 22.42 22.84 10.11
C LEU C 271 21.16 22.84 10.97
N ARG C 272 20.04 23.36 10.44
CA ARG C 272 18.76 23.25 11.13
C ARG C 272 18.30 21.81 11.23
N ARG C 273 18.50 21.02 10.16
CA ARG C 273 18.09 19.62 10.16
C ARG C 273 18.86 18.79 11.17
N LEU C 274 20.04 19.25 11.60
CA LEU C 274 20.78 18.61 12.68
C LEU C 274 20.19 19.06 14.01
N GLY C 275 19.71 18.10 14.80
CA GLY C 275 19.13 18.41 16.10
C GLY C 275 17.86 19.24 16.05
N ARG D 17 -39.41 -8.30 5.94
CA ARG D 17 -38.83 -9.49 6.55
C ARG D 17 -37.45 -9.27 7.16
N VAL D 18 -36.55 -8.56 6.47
CA VAL D 18 -35.11 -8.50 6.82
C VAL D 18 -34.67 -7.08 7.06
N LEU D 19 -34.10 -6.84 8.24
CA LEU D 19 -33.40 -5.59 8.54
C LEU D 19 -31.93 -5.73 8.20
N VAL D 20 -31.39 -4.74 7.50
CA VAL D 20 -30.00 -4.75 7.05
C VAL D 20 -29.30 -3.52 7.59
N VAL D 21 -28.16 -3.72 8.27
CA VAL D 21 -27.45 -2.66 8.96
C VAL D 21 -26.04 -2.58 8.39
N ASP D 22 -25.76 -1.53 7.62
CA ASP D 22 -24.48 -1.37 6.93
C ASP D 22 -24.22 0.11 6.71
N ASP D 23 -23.06 0.60 7.16
CA ASP D 23 -22.71 1.98 6.94
C ASP D 23 -22.12 2.24 5.57
N ASP D 24 -21.85 1.19 4.76
CA ASP D 24 -21.41 1.34 3.36
C ASP D 24 -22.62 1.57 2.50
N PRO D 25 -22.84 2.79 2.01
CA PRO D 25 -24.05 3.08 1.23
C PRO D 25 -24.14 2.32 -0.07
N THR D 26 -23.00 2.05 -0.73
CA THR D 26 -23.03 1.29 -1.96
C THR D 26 -23.42 -0.15 -1.70
N CYS D 27 -22.78 -0.78 -0.70
CA CYS D 27 -23.12 -2.16 -0.36
C CYS D 27 -24.54 -2.29 0.19
N LEU D 28 -25.04 -1.25 0.86
CA LEU D 28 -26.39 -1.30 1.38
C LEU D 28 -27.38 -1.32 0.23
N MET D 29 -27.17 -0.47 -0.75
CA MET D 29 -28.10 -0.34 -1.86
C MET D 29 -28.13 -1.62 -2.72
N ILE D 30 -26.97 -2.25 -2.91
CA ILE D 30 -26.89 -3.50 -3.67
C ILE D 30 -27.59 -4.63 -2.92
N LEU D 31 -27.26 -4.79 -1.63
CA LEU D 31 -27.82 -5.90 -0.86
C LEU D 31 -29.34 -5.77 -0.71
N GLU D 32 -29.85 -4.54 -0.70
CA GLU D 32 -31.28 -4.33 -0.67
C GLU D 32 -31.94 -4.88 -1.93
N ARG D 33 -31.35 -4.54 -3.09
CA ARG D 33 -31.85 -5.04 -4.36
C ARG D 33 -31.75 -6.55 -4.43
N MET D 34 -30.63 -7.11 -3.95
CA MET D 34 -30.45 -8.55 -4.00
C MET D 34 -31.48 -9.26 -3.12
N LEU D 35 -31.70 -8.75 -1.90
CA LEU D 35 -32.68 -9.37 -1.02
C LEU D 35 -34.10 -9.20 -1.55
N ARG D 36 -34.37 -8.10 -2.24
CA ARG D 36 -35.70 -7.89 -2.78
C ARG D 36 -35.99 -8.83 -3.94
N THR D 37 -34.96 -9.20 -4.70
CA THR D 37 -35.13 -10.19 -5.74
C THR D 37 -35.47 -11.55 -5.15
N CYS D 38 -34.99 -11.83 -3.95
CA CYS D 38 -35.34 -13.06 -3.23
C CYS D 38 -36.67 -12.96 -2.47
N LEU D 39 -37.44 -11.90 -2.73
CA LEU D 39 -38.78 -11.71 -2.19
C LEU D 39 -38.74 -11.57 -0.67
N TYR D 40 -37.83 -10.74 -0.19
CA TYR D 40 -37.83 -10.29 1.20
C TYR D 40 -38.26 -8.84 1.22
N GLU D 41 -39.12 -8.48 2.15
CA GLU D 41 -39.29 -7.07 2.42
C GLU D 41 -38.07 -6.61 3.22
N VAL D 42 -37.55 -5.44 2.87
CA VAL D 42 -36.21 -5.04 3.29
C VAL D 42 -36.26 -3.66 3.94
N THR D 43 -35.61 -3.53 5.10
CA THR D 43 -35.47 -2.27 5.80
C THR D 43 -34.00 -1.92 5.95
N LYS D 44 -33.64 -0.71 5.56
CA LYS D 44 -32.25 -0.26 5.63
C LYS D 44 -31.98 0.45 6.94
N CYS D 45 -30.71 0.41 7.36
CA CYS D 45 -30.26 0.96 8.61
C CYS D 45 -28.75 1.15 8.52
N ASN D 46 -28.24 2.19 9.16
CA ASN D 46 -26.80 2.40 9.08
C ASN D 46 -26.17 2.78 10.42
N ARG D 47 -26.92 2.72 11.52
CA ARG D 47 -26.39 2.92 12.86
C ARG D 47 -26.82 1.75 13.74
N ALA D 48 -25.90 1.25 14.57
CA ALA D 48 -26.22 0.08 15.38
C ALA D 48 -27.19 0.42 16.50
N GLU D 49 -27.02 1.58 17.13
CA GLU D 49 -27.99 2.03 18.12
C GLU D 49 -29.33 2.35 17.48
N MET D 50 -29.34 2.69 16.18
CA MET D 50 -30.59 2.83 15.46
C MET D 50 -31.25 1.48 15.21
N ALA D 51 -30.46 0.49 14.82
CA ALA D 51 -30.99 -0.84 14.58
C ALA D 51 -31.49 -1.49 15.88
N LEU D 52 -30.79 -1.22 17.00
CA LEU D 52 -31.20 -1.79 18.27
C LEU D 52 -32.57 -1.29 18.68
N SER D 53 -32.81 0.02 18.53
CA SER D 53 -34.10 0.58 18.91
C SER D 53 -35.20 0.18 17.91
N LEU D 54 -34.85 0.00 16.64
CA LEU D 54 -35.83 -0.49 15.67
C LEU D 54 -36.30 -1.89 16.03
N LEU D 55 -35.37 -2.76 16.44
CA LEU D 55 -35.74 -4.07 16.93
C LEU D 55 -36.42 -3.99 18.29
N ARG D 56 -36.06 -2.97 19.08
CA ARG D 56 -36.63 -2.83 20.43
C ARG D 56 -38.11 -2.48 20.40
N LYS D 57 -38.60 -1.82 19.33
CA LYS D 57 -39.91 -1.17 19.34
C LYS D 57 -41.09 -2.14 19.43
N ASN D 58 -40.85 -3.44 19.21
CA ASN D 58 -41.78 -4.56 19.43
C ASN D 58 -42.95 -4.59 18.43
N LYS D 59 -43.17 -3.52 17.68
CA LYS D 59 -44.07 -3.56 16.54
C LYS D 59 -43.33 -4.05 15.31
N HIS D 60 -42.03 -4.32 15.47
CA HIS D 60 -41.17 -4.83 14.42
C HIS D 60 -41.67 -6.20 13.98
N GLY D 61 -41.53 -6.48 12.70
CA GLY D 61 -41.88 -7.79 12.18
C GLY D 61 -40.68 -8.37 11.51
N PHE D 62 -39.51 -8.17 12.11
CA PHE D 62 -38.27 -8.60 11.49
C PHE D 62 -38.02 -10.08 11.73
N ASP D 63 -37.73 -10.80 10.64
CA ASP D 63 -37.47 -12.23 10.67
C ASP D 63 -35.98 -12.57 10.80
N ILE D 64 -35.10 -11.75 10.20
CA ILE D 64 -33.63 -11.93 10.20
C ILE D 64 -32.98 -10.54 10.17
N VAL D 65 -31.84 -10.42 10.82
CA VAL D 65 -30.98 -9.24 10.70
C VAL D 65 -29.70 -9.64 9.98
N ILE D 66 -29.30 -8.84 8.99
CA ILE D 66 -27.94 -8.90 8.44
C ILE D 66 -27.21 -7.62 8.85
N SER D 67 -26.06 -7.75 9.53
CA SER D 67 -25.37 -6.56 10.01
C SER D 67 -23.87 -6.65 9.74
N ASP D 68 -23.25 -5.51 9.42
CA ASP D 68 -21.81 -5.47 9.19
C ASP D 68 -21.09 -5.54 10.52
N VAL D 69 -19.90 -6.13 10.49
CA VAL D 69 -19.01 -6.07 11.64
C VAL D 69 -18.55 -4.65 11.87
N HIS D 70 -18.28 -3.92 10.80
CA HIS D 70 -17.82 -2.55 10.92
C HIS D 70 -19.03 -1.64 11.05
N MET D 71 -19.14 -1.00 12.20
CA MET D 71 -20.27 -0.17 12.51
C MET D 71 -19.72 1.09 13.17
N PRO D 72 -20.14 2.28 12.71
CA PRO D 72 -19.45 3.50 13.13
C PRO D 72 -19.79 3.95 14.53
N ASP D 73 -20.91 3.50 15.09
CA ASP D 73 -21.34 3.98 16.41
C ASP D 73 -21.33 2.87 17.47
N MET D 74 -20.84 1.67 17.14
CA MET D 74 -20.80 0.56 18.07
C MET D 74 -19.82 -0.51 17.57
N ASP D 75 -19.22 -1.25 18.51
CA ASP D 75 -18.55 -2.50 18.13
C ASP D 75 -19.59 -3.42 17.51
N GLY D 76 -19.49 -3.65 16.21
CA GLY D 76 -20.48 -4.46 15.51
C GLY D 76 -20.55 -5.91 15.95
N PHE D 77 -19.53 -6.38 16.68
CA PHE D 77 -19.61 -7.69 17.32
C PHE D 77 -20.53 -7.65 18.54
N LYS D 78 -20.48 -6.57 19.32
CA LYS D 78 -21.44 -6.41 20.41
C LYS D 78 -22.87 -6.26 19.88
N LEU D 79 -23.01 -5.68 18.69
CA LEU D 79 -24.34 -5.64 18.07
C LEU D 79 -24.84 -7.03 17.76
N LEU D 80 -23.95 -7.93 17.33
CA LEU D 80 -24.32 -9.33 17.13
C LEU D 80 -24.74 -10.00 18.44
N GLU D 81 -24.07 -9.64 19.55
CA GLU D 81 -24.45 -10.18 20.85
C GLU D 81 -25.87 -9.80 21.20
N HIS D 82 -26.22 -8.54 20.98
CA HIS D 82 -27.53 -8.05 21.39
C HIS D 82 -28.63 -8.62 20.50
N VAL D 83 -28.35 -8.85 19.22
CA VAL D 83 -29.39 -9.39 18.36
C VAL D 83 -29.43 -10.91 18.42
N GLY D 84 -28.27 -11.56 18.50
CA GLY D 84 -28.26 -13.01 18.52
C GLY D 84 -28.59 -13.66 19.85
N LEU D 85 -27.99 -13.20 20.95
CA LEU D 85 -28.08 -13.88 22.25
C LEU D 85 -29.14 -13.25 23.15
N GLU D 86 -29.03 -11.94 23.40
CA GLU D 86 -30.18 -11.17 23.83
C GLU D 86 -31.14 -11.16 22.63
N MET D 87 -32.44 -11.04 22.90
CA MET D 87 -33.49 -10.97 21.88
C MET D 87 -33.73 -12.26 21.06
N ASP D 88 -32.83 -13.25 21.15
CA ASP D 88 -32.96 -14.58 20.52
C ASP D 88 -33.32 -14.50 19.04
N LEU D 89 -32.49 -13.81 18.26
CA LEU D 89 -32.86 -13.58 16.86
C LEU D 89 -31.77 -14.10 15.91
N PRO D 90 -32.13 -14.51 14.69
CA PRO D 90 -31.10 -14.90 13.72
C PRO D 90 -30.46 -13.65 13.15
N VAL D 91 -29.20 -13.42 13.52
CA VAL D 91 -28.41 -12.34 12.94
C VAL D 91 -27.30 -12.93 12.11
N ILE D 92 -27.07 -12.36 10.93
CA ILE D 92 -26.05 -12.84 10.02
C ILE D 92 -24.92 -11.82 9.92
N MET D 93 -23.72 -12.29 10.20
CA MET D 93 -22.54 -11.46 10.16
C MET D 93 -22.20 -11.11 8.72
N MET D 94 -21.66 -9.91 8.52
CA MET D 94 -21.31 -9.47 7.17
C MET D 94 -20.03 -8.66 7.24
N SER D 95 -19.06 -8.96 6.36
CA SER D 95 -17.80 -8.24 6.40
C SER D 95 -17.01 -8.51 5.13
N ALA D 96 -16.21 -7.52 4.74
CA ALA D 96 -15.25 -7.65 3.66
C ALA D 96 -13.89 -8.12 4.16
N ASP D 97 -13.80 -8.56 5.41
CA ASP D 97 -12.61 -9.23 5.92
C ASP D 97 -12.82 -10.72 5.74
N ASP D 98 -11.82 -11.40 5.20
CA ASP D 98 -12.02 -12.79 4.79
C ASP D 98 -11.45 -13.80 5.76
N SER D 99 -10.67 -13.35 6.74
CA SER D 99 -9.82 -14.22 7.54
C SER D 99 -10.65 -15.17 8.39
N LYS D 100 -10.08 -16.34 8.67
CA LYS D 100 -10.75 -17.27 9.58
C LYS D 100 -10.95 -16.65 10.95
N SER D 101 -10.09 -15.70 11.35
CA SER D 101 -10.27 -15.04 12.63
C SER D 101 -11.57 -14.26 12.69
N VAL D 102 -11.92 -13.55 11.61
CA VAL D 102 -13.16 -12.78 11.64
C VAL D 102 -14.38 -13.67 11.55
N VAL D 103 -14.30 -14.76 10.76
CA VAL D 103 -15.41 -15.70 10.66
C VAL D 103 -15.67 -16.41 11.99
N LEU D 104 -14.60 -16.79 12.70
CA LEU D 104 -14.74 -17.39 14.02
C LEU D 104 -15.35 -16.42 15.02
N LYS D 105 -15.01 -15.13 14.90
CA LYS D 105 -15.56 -14.13 15.80
C LYS D 105 -17.06 -13.91 15.58
N GLY D 106 -17.57 -14.29 14.41
CA GLY D 106 -19.01 -14.23 14.19
C GLY D 106 -19.79 -15.18 15.09
N VAL D 107 -19.37 -16.45 15.17
CA VAL D 107 -20.07 -17.42 15.99
C VAL D 107 -19.99 -17.05 17.45
N THR D 108 -18.77 -16.77 17.91
CA THR D 108 -18.47 -16.50 19.31
C THR D 108 -19.10 -15.21 19.81
N HIS D 109 -19.80 -14.45 18.96
CA HIS D 109 -20.54 -13.28 19.42
C HIS D 109 -22.01 -13.36 19.05
N GLY D 110 -22.51 -14.53 18.63
CA GLY D 110 -23.95 -14.77 18.51
C GLY D 110 -24.53 -14.77 17.11
N ALA D 111 -23.76 -14.45 16.08
CA ALA D 111 -24.26 -14.54 14.72
C ALA D 111 -24.52 -16.00 14.35
N VAL D 112 -25.51 -16.20 13.48
CA VAL D 112 -25.99 -17.54 13.16
C VAL D 112 -25.47 -18.03 11.81
N ASP D 113 -25.01 -17.11 10.95
CA ASP D 113 -24.33 -17.41 9.71
C ASP D 113 -23.54 -16.16 9.33
N TYR D 114 -22.90 -16.17 8.16
CA TYR D 114 -22.12 -15.01 7.74
C TYR D 114 -22.19 -14.83 6.23
N LEU D 115 -21.94 -13.59 5.79
CA LEU D 115 -21.83 -13.24 4.38
C LEU D 115 -20.58 -12.40 4.16
N ILE D 116 -19.73 -12.77 3.20
CA ILE D 116 -18.50 -12.05 2.92
C ILE D 116 -18.71 -11.14 1.72
N LYS D 117 -18.31 -9.87 1.85
CA LYS D 117 -18.43 -8.91 0.76
C LYS D 117 -17.36 -9.15 -0.31
N PRO D 118 -17.72 -9.17 -1.60
CA PRO D 118 -19.01 -8.81 -2.18
C PRO D 118 -20.00 -9.94 -2.07
N VAL D 119 -21.22 -9.62 -1.64
CA VAL D 119 -22.20 -10.64 -1.35
C VAL D 119 -22.62 -11.31 -2.64
N ARG D 120 -22.36 -12.60 -2.74
CA ARG D 120 -22.75 -13.46 -3.84
C ARG D 120 -24.25 -13.78 -3.77
N MET D 121 -24.92 -13.80 -4.92
CA MET D 121 -26.36 -14.08 -4.93
C MET D 121 -26.66 -15.50 -4.47
N GLU D 122 -25.76 -16.44 -4.71
CA GLU D 122 -25.94 -17.79 -4.19
C GLU D 122 -25.89 -17.84 -2.67
N ALA D 123 -25.03 -17.04 -2.05
CA ALA D 123 -24.92 -17.06 -0.61
C ALA D 123 -26.17 -16.54 0.08
N LEU D 124 -26.98 -15.74 -0.61
CA LEU D 124 -28.19 -15.20 -0.02
C LEU D 124 -29.32 -16.21 0.08
N LYS D 125 -29.32 -17.25 -0.75
CA LYS D 125 -30.33 -18.28 -0.62
C LYS D 125 -30.13 -19.10 0.65
N ASN D 126 -28.90 -19.17 1.17
CA ASN D 126 -28.61 -19.91 2.39
C ASN D 126 -29.16 -19.26 3.64
N ILE D 127 -29.60 -18.02 3.57
CA ILE D 127 -30.08 -17.39 4.79
C ILE D 127 -31.56 -17.67 5.04
N TRP D 128 -32.34 -18.05 4.02
CA TRP D 128 -33.75 -18.36 4.24
C TRP D 128 -33.90 -19.52 5.19
N GLN D 129 -32.96 -20.46 5.12
CA GLN D 129 -32.76 -21.58 6.02
C GLN D 129 -32.85 -21.18 7.50
N HIS D 130 -32.24 -20.06 7.86
CA HIS D 130 -32.18 -19.64 9.26
C HIS D 130 -33.51 -19.06 9.75
N VAL D 131 -34.36 -18.59 8.84
CA VAL D 131 -35.68 -18.16 9.25
C VAL D 131 -36.56 -19.37 9.56
N VAL D 132 -36.40 -20.46 8.80
CA VAL D 132 -37.27 -21.61 8.99
C VAL D 132 -36.92 -22.36 10.27
N ARG D 133 -35.62 -22.46 10.57
CA ARG D 133 -35.19 -23.01 11.86
C ARG D 133 -35.66 -22.12 13.01
N LYS D 134 -35.69 -20.81 12.79
CA LYS D 134 -36.22 -19.86 13.78
C LYS D 134 -37.71 -20.08 14.01
N ARG D 135 -38.46 -20.36 12.94
CA ARG D 135 -39.92 -20.48 13.07
C ARG D 135 -40.36 -21.80 13.72
N ARG D 136 -39.44 -22.65 14.19
CA ARG D 136 -39.79 -23.90 14.85
C ARG D 136 -40.39 -23.69 16.23
N SER D 137 -40.27 -22.49 16.81
CA SER D 137 -40.83 -22.20 18.13
C SER D 137 -42.36 -22.28 18.16
N LYS D 215 -48.02 -16.03 23.01
CA LYS D 215 -46.84 -15.36 23.53
C LYS D 215 -46.20 -16.19 24.65
N LYS D 216 -44.94 -16.57 24.50
CA LYS D 216 -44.29 -17.60 25.31
C LYS D 216 -42.88 -17.14 25.68
N PRO D 217 -42.30 -17.66 26.77
CA PRO D 217 -41.10 -17.01 27.34
C PRO D 217 -39.85 -17.24 26.52
N ARG D 218 -39.05 -16.18 26.37
CA ARG D 218 -37.72 -16.32 25.80
C ARG D 218 -36.78 -17.06 26.74
N VAL D 219 -35.74 -17.64 26.16
CA VAL D 219 -34.60 -18.19 26.89
C VAL D 219 -33.36 -17.48 26.36
N VAL D 220 -32.74 -16.66 27.20
CA VAL D 220 -31.63 -15.80 26.83
C VAL D 220 -30.33 -16.37 27.37
N TRP D 221 -29.30 -16.43 26.53
CA TRP D 221 -27.96 -16.86 26.93
C TRP D 221 -27.04 -15.66 27.12
N SER D 222 -26.29 -15.67 28.22
CA SER D 222 -25.21 -14.69 28.37
C SER D 222 -24.11 -14.96 27.35
N VAL D 223 -23.38 -13.90 27.00
CA VAL D 223 -22.39 -13.98 25.92
C VAL D 223 -21.25 -14.92 26.29
N GLU D 224 -20.87 -14.92 27.58
CA GLU D 224 -19.79 -15.75 28.08
C GLU D 224 -20.19 -17.23 28.09
N LEU D 225 -21.44 -17.50 28.46
CA LEU D 225 -21.95 -18.86 28.39
C LEU D 225 -22.01 -19.34 26.94
N HIS D 226 -22.38 -18.45 26.03
CA HIS D 226 -22.35 -18.80 24.61
C HIS D 226 -20.93 -19.05 24.16
N GLN D 227 -19.97 -18.25 24.66
CA GLN D 227 -18.59 -18.40 24.22
C GLN D 227 -17.97 -19.71 24.67
N GLN D 228 -18.38 -20.24 25.82
CA GLN D 228 -17.92 -21.58 26.17
C GLN D 228 -18.75 -22.68 25.51
N PHE D 229 -19.95 -22.36 25.02
CA PHE D 229 -20.65 -23.34 24.20
C PHE D 229 -19.91 -23.58 22.88
N VAL D 230 -19.40 -22.52 22.26
CA VAL D 230 -18.67 -22.71 21.00
C VAL D 230 -17.27 -23.28 21.25
N ALA D 231 -16.68 -23.05 22.42
CA ALA D 231 -15.38 -23.65 22.73
C ALA D 231 -15.51 -25.16 22.90
N ALA D 232 -16.58 -25.60 23.58
CA ALA D 232 -16.80 -27.02 23.86
C ALA D 232 -17.03 -27.82 22.58
N VAL D 233 -17.79 -27.25 21.65
CA VAL D 233 -18.06 -27.96 20.39
C VAL D 233 -16.80 -28.03 19.54
N ASN D 234 -16.00 -26.97 19.55
CA ASN D 234 -14.77 -26.96 18.76
C ASN D 234 -13.66 -27.78 19.42
N GLN D 235 -13.67 -27.89 20.75
CA GLN D 235 -12.75 -28.82 21.40
C GLN D 235 -13.15 -30.27 21.19
N LEU D 236 -14.46 -30.54 21.11
CA LEU D 236 -14.94 -31.92 20.92
C LEU D 236 -14.80 -32.40 19.49
N GLY D 237 -14.60 -31.50 18.55
CA GLY D 237 -14.83 -31.86 17.17
C GLY D 237 -16.29 -31.60 16.88
N VAL D 238 -16.55 -30.74 15.90
CA VAL D 238 -17.90 -30.28 15.61
C VAL D 238 -18.77 -31.43 15.13
N GLU D 239 -18.20 -32.34 14.34
CA GLU D 239 -18.93 -33.51 13.87
C GLU D 239 -19.29 -34.44 15.02
N LYS D 240 -18.35 -34.67 15.95
CA LYS D 240 -18.62 -35.59 17.04
C LYS D 240 -19.49 -35.00 18.14
N ALA D 241 -19.56 -33.67 18.27
CA ALA D 241 -20.18 -33.02 19.41
C ALA D 241 -21.67 -33.33 19.51
N VAL D 242 -22.08 -33.85 20.67
CA VAL D 242 -23.40 -34.42 20.92
C VAL D 242 -23.95 -33.76 22.20
N PRO D 243 -25.28 -33.46 22.28
CA PRO D 243 -25.87 -32.79 23.46
C PRO D 243 -25.45 -33.28 24.84
N LYS D 244 -25.19 -34.59 24.98
CA LYS D 244 -24.70 -35.08 26.28
C LYS D 244 -23.25 -34.70 26.49
N LYS D 245 -22.39 -34.91 25.49
CA LYS D 245 -20.96 -34.70 25.68
C LYS D 245 -20.56 -33.22 25.64
N ILE D 246 -21.33 -32.38 24.94
CA ILE D 246 -21.11 -30.94 25.01
C ILE D 246 -21.43 -30.44 26.41
N LEU D 247 -22.52 -30.94 27.01
CA LEU D 247 -22.83 -30.60 28.39
C LEU D 247 -21.83 -31.25 29.35
N GLU D 248 -21.28 -32.41 28.98
CA GLU D 248 -20.26 -33.04 29.82
C GLU D 248 -18.95 -32.25 29.80
N LEU D 249 -18.69 -31.45 28.76
CA LEU D 249 -17.55 -30.53 28.82
C LEU D 249 -17.96 -29.16 29.37
N MET D 250 -19.15 -28.66 29.03
CA MET D 250 -19.63 -27.41 29.60
C MET D 250 -20.02 -27.62 31.05
N ASN D 251 -19.12 -27.29 31.97
CA ASN D 251 -19.37 -27.50 33.40
C ASN D 251 -20.14 -26.32 34.00
N VAL D 252 -21.37 -26.12 33.52
CA VAL D 252 -22.26 -25.09 34.04
C VAL D 252 -23.39 -25.79 34.82
N PRO D 253 -23.41 -25.69 36.15
CA PRO D 253 -24.54 -26.25 36.92
C PRO D 253 -25.81 -25.43 36.72
N GLY D 254 -26.91 -26.11 36.40
CA GLY D 254 -28.14 -25.45 36.00
C GLY D 254 -28.29 -25.30 34.51
N LEU D 255 -27.35 -25.82 33.73
CA LEU D 255 -27.48 -25.91 32.28
C LEU D 255 -27.95 -27.33 31.97
N THR D 256 -29.08 -27.44 31.28
CA THR D 256 -29.63 -28.77 31.02
C THR D 256 -29.15 -29.28 29.66
N ARG D 257 -29.53 -30.52 29.35
CA ARG D 257 -29.15 -31.11 28.08
C ARG D 257 -29.97 -30.56 26.93
N GLU D 258 -31.19 -30.10 27.21
CA GLU D 258 -32.05 -29.49 26.19
C GLU D 258 -31.81 -28.00 26.03
N ASN D 259 -31.06 -27.38 26.94
CA ASN D 259 -30.44 -26.09 26.63
C ASN D 259 -29.41 -26.25 25.52
N VAL D 260 -28.53 -27.24 25.67
CA VAL D 260 -27.48 -27.49 24.69
C VAL D 260 -28.11 -27.99 23.39
N ALA D 261 -29.16 -28.80 23.49
CA ALA D 261 -29.79 -29.40 22.31
C ALA D 261 -30.42 -28.36 21.39
N SER D 262 -31.13 -27.36 21.95
CA SER D 262 -31.73 -26.33 21.12
C SER D 262 -30.75 -25.21 20.72
N HIS D 263 -29.64 -25.04 21.45
CA HIS D 263 -28.62 -24.11 21.01
C HIS D 263 -27.83 -24.67 19.85
N LEU D 264 -27.60 -26.00 19.86
CA LEU D 264 -27.04 -26.69 18.70
C LEU D 264 -27.96 -26.56 17.51
N GLN D 265 -29.27 -26.62 17.74
CA GLN D 265 -30.27 -26.39 16.69
C GLN D 265 -30.06 -25.06 16.00
N LYS D 266 -29.81 -24.00 16.77
CA LYS D 266 -29.69 -22.66 16.20
C LYS D 266 -28.36 -22.48 15.48
N TYR D 267 -27.27 -22.96 16.08
CA TYR D 267 -25.93 -22.63 15.59
C TYR D 267 -25.25 -23.78 14.85
N ARG D 268 -25.98 -24.85 14.48
CA ARG D 268 -25.40 -26.00 13.80
C ARG D 268 -24.73 -25.60 12.50
N ILE D 269 -25.42 -24.78 11.70
CA ILE D 269 -24.94 -24.48 10.36
C ILE D 269 -23.65 -23.67 10.41
N TYR D 270 -23.58 -22.70 11.33
CA TYR D 270 -22.36 -21.90 11.43
C TYR D 270 -21.17 -22.74 11.88
N LEU D 271 -21.37 -23.66 12.83
CA LEU D 271 -20.22 -24.41 13.33
C LEU D 271 -19.70 -25.40 12.30
N ARG D 272 -20.57 -25.90 11.43
CA ARG D 272 -20.15 -26.75 10.33
C ARG D 272 -19.29 -25.99 9.33
N ARG D 273 -19.66 -24.73 9.05
CA ARG D 273 -18.94 -23.92 8.07
C ARG D 273 -17.54 -23.54 8.51
N LEU D 274 -17.20 -23.63 9.81
CA LEU D 274 -15.86 -23.31 10.22
C LEU D 274 -14.88 -24.41 9.84
N GLY D 275 -13.85 -24.05 9.09
CA GLY D 275 -12.84 -25.00 8.65
C GLY D 275 -11.43 -24.55 8.99
C1 OXM E . 31.60 -0.58 -6.01
N1 OXM E . 31.54 -0.20 -7.28
O1 OXM E . 31.90 0.25 -5.12
C2 OXM E . 31.30 -2.01 -5.67
O2 OXM E . 31.19 -2.36 -4.47
O3 OXM E . 31.16 -2.88 -6.58
C1 EDO F . 7.54 -4.52 -17.69
O1 EDO F . 8.19 -3.35 -18.19
C2 EDO F . 7.08 -5.45 -18.82
O2 EDO F . 6.87 -6.77 -18.31
C1 GOL G . 4.74 -2.81 -13.51
O1 GOL G . 5.08 -3.69 -12.48
C2 GOL G . 5.34 -3.39 -14.89
O2 GOL G . 6.11 -4.59 -14.75
C3 GOL G . 4.14 -3.47 -15.93
O3 GOL G . 2.96 -3.61 -15.19
C1 GOL H . -27.16 -3.26 -17.44
O1 GOL H . -27.07 -4.04 -18.60
C2 GOL H . -25.80 -2.45 -17.27
O2 GOL H . -24.80 -2.78 -18.22
C3 GOL H . -26.20 -0.94 -17.27
O3 GOL H . -26.82 -0.63 -18.50
C1 OXM I . -16.89 4.85 8.18
N1 OXM I . -17.90 4.00 8.05
O1 OXM I . -16.26 4.95 9.26
C2 OXM I . -16.48 5.70 7.02
O2 OXM I . -17.20 6.66 6.67
O3 OXM I . -15.40 5.48 6.41
C1 EDO J . -28.74 2.63 -16.99
O1 EDO J . -27.92 1.91 -16.06
C2 EDO J . -28.03 3.84 -17.55
O2 EDO J . -27.11 3.45 -18.57
C1 EDO K . -18.47 12.79 -10.51
O1 EDO K . -17.22 13.39 -10.91
C2 EDO K . -18.53 12.75 -8.98
O2 EDO K . -19.71 12.03 -8.56
#